data_2NCH
#
_entry.id   2NCH
#
_entity_poly.entity_id   1
_entity_poly.type   'polypeptide(L)'
_entity_poly.pdbx_seq_one_letter_code
;MVKDEKSKTLFEVEGAVTALLPAAEFRVKLDNEHEIICHVSGKVRRSKIRIIIGDRVLVEMSIYDRNAKKGRIIRRLKGT
SDRTISK
;
_entity_poly.pdbx_strand_id   A
#
# COMPACT_ATOMS: atom_id res chain seq x y z
N MET A 1 -12.65 13.32 0.98
CA MET A 1 -13.83 13.88 0.26
C MET A 1 -14.17 13.01 -0.94
N VAL A 2 -13.33 13.03 -1.97
CA VAL A 2 -13.54 12.19 -3.14
C VAL A 2 -13.18 10.75 -2.80
N LYS A 3 -12.15 10.58 -1.98
CA LYS A 3 -11.78 9.27 -1.50
C LYS A 3 -12.39 9.06 -0.11
N ASP A 4 -13.70 8.91 -0.07
CA ASP A 4 -14.42 8.80 1.19
C ASP A 4 -15.70 7.98 1.00
N GLU A 5 -16.65 8.57 0.29
CA GLU A 5 -17.93 7.92 0.04
C GLU A 5 -17.79 6.87 -1.05
N LYS A 6 -17.04 7.21 -2.08
CA LYS A 6 -16.83 6.30 -3.19
C LYS A 6 -15.43 5.70 -3.14
N SER A 7 -15.20 4.69 -3.98
CA SER A 7 -13.93 3.99 -4.03
C SER A 7 -13.71 3.13 -2.78
N LYS A 8 -14.80 2.85 -2.06
CA LYS A 8 -14.74 1.93 -0.92
C LYS A 8 -14.51 0.52 -1.41
N THR A 9 -14.96 0.25 -2.63
CA THR A 9 -14.70 -1.00 -3.28
C THR A 9 -13.22 -1.10 -3.62
N LEU A 10 -12.47 -1.72 -2.72
CA LEU A 10 -11.03 -1.66 -2.78
C LEU A 10 -10.43 -3.04 -2.50
N PHE A 11 -9.36 -3.35 -3.22
CA PHE A 11 -8.65 -4.60 -3.04
C PHE A 11 -7.32 -4.33 -2.36
N GLU A 12 -6.90 -5.23 -1.49
CA GLU A 12 -5.70 -5.04 -0.71
C GLU A 12 -4.65 -6.10 -1.05
N VAL A 13 -3.49 -5.63 -1.46
CA VAL A 13 -2.40 -6.53 -1.84
C VAL A 13 -1.27 -6.46 -0.83
N GLU A 14 -0.75 -7.62 -0.46
CA GLU A 14 0.41 -7.68 0.43
C GLU A 14 1.67 -7.94 -0.40
N GLY A 15 2.56 -6.97 -0.43
CA GLY A 15 3.78 -7.10 -1.20
C GLY A 15 4.93 -6.36 -0.57
N ALA A 16 5.90 -5.95 -1.37
CA ALA A 16 7.05 -5.21 -0.87
C ALA A 16 7.57 -4.25 -1.94
N VAL A 17 8.02 -3.08 -1.51
CA VAL A 17 8.54 -2.07 -2.44
C VAL A 17 9.86 -2.56 -3.06
N THR A 18 10.07 -2.24 -4.33
CA THR A 18 11.29 -2.66 -5.01
C THR A 18 12.23 -1.47 -5.23
N ALA A 19 11.65 -0.28 -5.47
CA ALA A 19 12.42 0.93 -5.70
C ALA A 19 11.53 2.15 -5.57
N LEU A 20 12.14 3.30 -5.32
CA LEU A 20 11.38 4.55 -5.24
C LEU A 20 11.86 5.53 -6.30
N LEU A 21 10.98 6.43 -6.69
CA LEU A 21 11.30 7.42 -7.71
C LEU A 21 11.25 8.82 -7.11
N PRO A 22 11.95 9.79 -7.73
CA PRO A 22 11.98 11.20 -7.28
C PRO A 22 10.62 11.90 -7.40
N ALA A 23 9.60 11.14 -7.75
CA ALA A 23 8.24 11.64 -7.83
C ALA A 23 7.45 11.19 -6.63
N ALA A 24 8.16 10.91 -5.53
CA ALA A 24 7.55 10.41 -4.29
C ALA A 24 6.81 9.12 -4.57
N GLU A 25 7.28 8.40 -5.59
CA GLU A 25 6.61 7.21 -6.05
C GLU A 25 7.28 5.97 -5.50
N PHE A 26 6.47 5.03 -5.06
CA PHE A 26 6.98 3.77 -4.54
C PHE A 26 6.42 2.63 -5.36
N ARG A 27 7.27 1.97 -6.11
CA ARG A 27 6.84 0.86 -6.95
C ARG A 27 7.19 -0.45 -6.27
N VAL A 28 6.18 -1.28 -6.07
CA VAL A 28 6.34 -2.50 -5.31
C VAL A 28 6.27 -3.72 -6.21
N LYS A 29 6.86 -4.82 -5.78
CA LYS A 29 6.81 -6.05 -6.56
C LYS A 29 5.99 -7.11 -5.83
N LEU A 30 5.02 -7.65 -6.53
CA LEU A 30 4.23 -8.76 -6.02
C LEU A 30 5.05 -10.05 -6.11
N ASP A 31 4.83 -10.97 -5.19
CA ASP A 31 5.56 -12.25 -5.19
C ASP A 31 5.26 -13.07 -6.45
N ASN A 32 4.25 -12.63 -7.20
CA ASN A 32 3.93 -13.26 -8.48
C ASN A 32 4.63 -12.51 -9.62
N GLU A 33 5.74 -11.85 -9.28
CA GLU A 33 6.61 -11.20 -10.25
C GLU A 33 5.88 -10.07 -10.99
N HIS A 34 5.17 -9.23 -10.25
CA HIS A 34 4.46 -8.13 -10.87
C HIS A 34 4.76 -6.81 -10.17
N GLU A 35 5.32 -5.87 -10.90
CA GLU A 35 5.63 -4.56 -10.34
C GLU A 35 4.47 -3.61 -10.58
N ILE A 36 3.99 -2.99 -9.51
CA ILE A 36 2.90 -2.03 -9.62
C ILE A 36 3.28 -0.70 -8.96
N ILE A 37 2.59 0.35 -9.37
CA ILE A 37 2.88 1.70 -8.88
C ILE A 37 2.07 2.00 -7.63
N CYS A 38 2.68 2.70 -6.68
CA CYS A 38 1.99 3.09 -5.46
C CYS A 38 2.38 4.52 -5.08
N HIS A 39 1.44 5.24 -4.49
CA HIS A 39 1.68 6.59 -4.00
C HIS A 39 0.97 6.79 -2.67
N VAL A 40 1.29 7.86 -1.98
CA VAL A 40 0.62 8.16 -0.73
C VAL A 40 -0.68 8.90 -0.98
N SER A 41 -1.78 8.28 -0.57
CA SER A 41 -3.11 8.87 -0.75
C SER A 41 -4.07 8.30 0.30
N GLY A 42 -3.75 8.49 1.56
CA GLY A 42 -4.59 8.01 2.62
C GLY A 42 -4.26 8.61 3.97
N LYS A 43 -4.59 7.88 5.02
CA LYS A 43 -4.31 8.27 6.40
C LYS A 43 -2.81 8.51 6.62
N VAL A 44 -1.99 8.01 5.71
CA VAL A 44 -0.54 8.18 5.75
C VAL A 44 -0.15 9.64 5.95
N ARG A 45 -0.97 10.55 5.42
CA ARG A 45 -0.71 11.98 5.52
C ARG A 45 -0.95 12.45 6.97
N ARG A 46 -2.01 11.95 7.59
CA ARG A 46 -2.39 12.37 8.94
C ARG A 46 -1.55 11.65 9.99
N SER A 47 -1.38 10.36 9.82
CA SER A 47 -0.64 9.55 10.79
C SER A 47 0.87 9.75 10.59
N LYS A 48 1.25 10.15 9.38
CA LYS A 48 2.65 10.34 9.00
C LYS A 48 3.44 9.03 9.16
N ILE A 49 3.42 8.23 8.10
CA ILE A 49 4.07 6.93 8.12
C ILE A 49 5.37 6.99 7.32
N ARG A 50 6.38 6.24 7.77
CA ARG A 50 7.67 6.19 7.09
C ARG A 50 7.77 4.95 6.22
N ILE A 51 7.84 5.15 4.91
CA ILE A 51 7.99 4.04 3.98
C ILE A 51 9.47 3.79 3.70
N ILE A 52 9.92 2.58 3.96
CA ILE A 52 11.31 2.22 3.73
C ILE A 52 11.41 0.99 2.83
N ILE A 53 12.48 0.93 2.04
CA ILE A 53 12.71 -0.21 1.16
C ILE A 53 13.25 -1.37 1.96
N GLY A 54 12.77 -2.58 1.66
CA GLY A 54 13.20 -3.74 2.39
C GLY A 54 12.13 -4.25 3.32
N ASP A 55 11.13 -3.42 3.56
CA ASP A 55 10.02 -3.79 4.42
C ASP A 55 8.81 -4.14 3.55
N ARG A 56 7.89 -4.91 4.10
CA ARG A 56 6.69 -5.28 3.37
C ARG A 56 5.73 -4.09 3.33
N VAL A 57 4.82 -4.09 2.38
CA VAL A 57 3.88 -3.00 2.24
C VAL A 57 2.47 -3.52 2.00
N LEU A 58 1.49 -2.73 2.39
CA LEU A 58 0.10 -3.03 2.11
C LEU A 58 -0.40 -2.10 1.02
N VAL A 59 -0.76 -2.67 -0.12
CA VAL A 59 -1.23 -1.89 -1.24
C VAL A 59 -2.75 -1.88 -1.29
N GLU A 60 -3.33 -0.74 -0.98
CA GLU A 60 -4.77 -0.60 -1.03
C GLU A 60 -5.17 0.14 -2.31
N MET A 61 -5.76 -0.57 -3.25
CA MET A 61 -6.16 0.06 -4.51
C MET A 61 -7.45 -0.54 -5.03
N SER A 62 -8.12 0.19 -5.92
CA SER A 62 -9.33 -0.29 -6.53
C SER A 62 -9.01 -0.82 -7.93
N ILE A 63 -9.71 -1.87 -8.34
CA ILE A 63 -9.41 -2.56 -9.59
C ILE A 63 -9.96 -1.81 -10.81
N TYR A 64 -10.89 -0.89 -10.57
CA TYR A 64 -11.64 -0.24 -11.65
C TYR A 64 -10.75 0.64 -12.54
N ASP A 65 -10.52 1.89 -12.13
CA ASP A 65 -9.72 2.80 -12.97
C ASP A 65 -8.94 3.80 -12.12
N ARG A 66 -9.64 4.52 -11.26
CA ARG A 66 -9.05 5.57 -10.43
C ARG A 66 -7.78 5.09 -9.71
N ASN A 67 -7.91 4.04 -8.91
CA ASN A 67 -6.78 3.51 -8.17
C ASN A 67 -6.23 2.27 -8.86
N ALA A 68 -6.42 2.16 -10.18
CA ALA A 68 -6.01 0.97 -10.90
C ALA A 68 -4.52 0.99 -11.23
N LYS A 69 -4.02 2.13 -11.68
CA LYS A 69 -2.62 2.23 -12.11
C LYS A 69 -1.71 2.32 -10.89
N LYS A 70 -2.19 2.96 -9.85
CA LYS A 70 -1.42 3.15 -8.64
C LYS A 70 -2.25 2.85 -7.41
N GLY A 71 -1.59 2.37 -6.36
CA GLY A 71 -2.30 2.05 -5.14
C GLY A 71 -1.87 2.90 -3.98
N ARG A 72 -2.53 2.73 -2.86
CA ARG A 72 -2.23 3.49 -1.66
C ARG A 72 -1.25 2.71 -0.81
N ILE A 73 -0.02 3.19 -0.75
CA ILE A 73 1.01 2.52 0.03
C ILE A 73 1.19 3.21 1.38
N ILE A 74 1.11 2.43 2.45
CA ILE A 74 1.35 2.95 3.78
C ILE A 74 2.56 2.25 4.42
N ARG A 75 2.41 0.96 4.70
CA ARG A 75 3.49 0.14 5.25
C ARG A 75 2.95 -1.24 5.56
N ARG A 76 3.81 -2.16 5.99
CA ARG A 76 3.38 -3.46 6.44
C ARG A 76 2.63 -3.33 7.77
N LEU A 77 1.38 -3.77 7.76
CA LEU A 77 0.58 -3.79 8.97
C LEU A 77 1.04 -4.89 9.91
N LYS A 78 0.43 -4.98 11.08
CA LYS A 78 0.77 -6.02 12.03
C LYS A 78 0.25 -7.35 11.51
N GLY A 79 1.16 -8.31 11.35
CA GLY A 79 0.82 -9.55 10.67
C GLY A 79 0.12 -10.56 11.53
N THR A 80 -0.87 -10.09 12.30
CA THR A 80 -1.67 -10.94 13.18
C THR A 80 -0.82 -11.91 13.99
N SER A 81 0.19 -11.36 14.66
CA SER A 81 1.12 -12.17 15.45
C SER A 81 0.62 -12.32 16.89
N ASP A 82 -0.65 -12.02 17.12
CA ASP A 82 -1.24 -12.07 18.44
C ASP A 82 -1.84 -13.44 18.72
N ARG A 83 -1.64 -14.37 17.81
CA ARG A 83 -2.20 -15.71 17.92
C ARG A 83 -1.59 -16.45 19.11
N THR A 84 -0.27 -16.52 19.16
CA THR A 84 0.41 -17.13 20.29
C THR A 84 1.83 -16.59 20.46
N ILE A 85 2.78 -17.11 19.66
CA ILE A 85 4.21 -16.80 19.78
C ILE A 85 4.67 -16.72 21.25
N SER A 86 4.13 -17.64 22.06
CA SER A 86 4.37 -17.67 23.50
C SER A 86 3.77 -16.42 24.17
N LYS A 87 2.47 -16.45 24.39
CA LYS A 87 1.77 -15.33 25.00
C LYS A 87 1.70 -15.52 26.51
N MET A 1 -19.56 11.87 -9.80
CA MET A 1 -18.72 13.08 -9.94
C MET A 1 -17.43 12.94 -9.13
N VAL A 2 -17.57 12.65 -7.82
CA VAL A 2 -16.42 12.53 -6.94
C VAL A 2 -16.51 11.28 -6.08
N LYS A 3 -15.80 10.22 -6.49
CA LYS A 3 -15.77 8.97 -5.75
C LYS A 3 -14.38 8.35 -5.82
N ASP A 4 -13.65 8.31 -4.70
CA ASP A 4 -12.37 7.60 -4.68
C ASP A 4 -12.06 7.03 -3.30
N GLU A 5 -11.93 7.91 -2.31
CA GLU A 5 -11.49 7.48 -0.99
C GLU A 5 -12.55 6.61 -0.32
N LYS A 6 -13.81 6.89 -0.63
CA LYS A 6 -14.92 6.16 -0.03
C LYS A 6 -15.32 4.97 -0.88
N SER A 7 -14.47 4.59 -1.83
CA SER A 7 -14.70 3.41 -2.64
C SER A 7 -14.37 2.16 -1.82
N LYS A 8 -15.39 1.58 -1.21
CA LYS A 8 -15.19 0.48 -0.29
C LYS A 8 -15.25 -0.86 -1.01
N THR A 9 -15.45 -0.81 -2.32
CA THR A 9 -15.32 -1.99 -3.14
C THR A 9 -13.90 -2.09 -3.67
N LEU A 10 -13.00 -2.56 -2.82
CA LEU A 10 -11.58 -2.62 -3.16
C LEU A 10 -10.92 -3.79 -2.43
N PHE A 11 -9.62 -3.94 -2.59
CA PHE A 11 -8.89 -5.02 -1.96
C PHE A 11 -7.51 -4.55 -1.50
N GLU A 12 -7.24 -4.73 -0.22
CA GLU A 12 -5.95 -4.40 0.35
C GLU A 12 -5.07 -5.65 0.33
N VAL A 13 -3.80 -5.50 0.00
CA VAL A 13 -2.91 -6.64 -0.14
C VAL A 13 -1.53 -6.35 0.44
N GLU A 14 -0.77 -7.40 0.72
CA GLU A 14 0.56 -7.28 1.29
C GLU A 14 1.59 -7.22 0.18
N GLY A 15 2.45 -6.22 0.22
CA GLY A 15 3.49 -6.10 -0.80
C GLY A 15 4.84 -5.78 -0.19
N ALA A 16 5.87 -5.72 -1.03
CA ALA A 16 7.21 -5.39 -0.56
C ALA A 16 7.84 -4.33 -1.47
N VAL A 17 8.26 -3.23 -0.87
CA VAL A 17 8.89 -2.16 -1.64
C VAL A 17 10.27 -2.59 -2.11
N THR A 18 10.40 -2.74 -3.42
CA THR A 18 11.64 -3.22 -4.00
C THR A 18 12.47 -2.04 -4.51
N ALA A 19 11.80 -0.95 -4.82
CA ALA A 19 12.45 0.24 -5.32
C ALA A 19 11.50 1.43 -5.29
N LEU A 20 12.06 2.63 -5.38
CA LEU A 20 11.27 3.84 -5.41
C LEU A 20 11.80 4.77 -6.48
N LEU A 21 10.95 5.65 -6.97
CA LEU A 21 11.35 6.63 -7.96
C LEU A 21 11.50 7.99 -7.29
N PRO A 22 12.38 8.85 -7.83
CA PRO A 22 12.62 10.19 -7.27
C PRO A 22 11.47 11.17 -7.56
N ALA A 23 10.25 10.65 -7.49
CA ALA A 23 9.06 11.43 -7.79
C ALA A 23 7.95 11.07 -6.80
N ALA A 24 8.36 10.65 -5.61
CA ALA A 24 7.44 10.23 -4.55
C ALA A 24 6.62 9.01 -4.95
N GLU A 25 7.12 8.27 -5.93
CA GLU A 25 6.48 7.05 -6.37
C GLU A 25 7.23 5.85 -5.81
N PHE A 26 6.48 4.89 -5.30
CA PHE A 26 7.07 3.67 -4.78
C PHE A 26 6.54 2.50 -5.57
N ARG A 27 7.38 1.53 -5.88
CA ARG A 27 6.93 0.37 -6.63
C ARG A 27 7.24 -0.90 -5.88
N VAL A 28 6.18 -1.49 -5.35
CA VAL A 28 6.28 -2.75 -4.64
C VAL A 28 5.93 -3.88 -5.59
N LYS A 29 6.54 -5.04 -5.39
CA LYS A 29 6.25 -6.16 -6.26
C LYS A 29 5.62 -7.28 -5.46
N LEU A 30 4.64 -7.93 -6.07
CA LEU A 30 4.02 -9.10 -5.50
C LEU A 30 4.91 -10.30 -5.79
N ASP A 31 4.95 -11.25 -4.86
CA ASP A 31 5.82 -12.42 -5.02
C ASP A 31 5.29 -13.34 -6.12
N ASN A 32 4.10 -13.05 -6.62
CA ASN A 32 3.54 -13.75 -7.77
C ASN A 32 3.97 -13.05 -9.07
N GLU A 33 4.97 -12.18 -8.93
CA GLU A 33 5.62 -11.51 -10.06
C GLU A 33 4.70 -10.51 -10.77
N HIS A 34 4.12 -9.61 -9.99
CA HIS A 34 3.38 -8.46 -10.51
C HIS A 34 3.88 -7.19 -9.84
N GLU A 35 3.99 -6.12 -10.59
CA GLU A 35 4.43 -4.85 -10.03
C GLU A 35 3.31 -3.82 -10.11
N ILE A 36 3.18 -3.04 -9.05
CA ILE A 36 2.16 -2.01 -8.98
C ILE A 36 2.75 -0.69 -8.51
N ILE A 37 2.11 0.39 -8.88
CA ILE A 37 2.57 1.72 -8.50
C ILE A 37 1.94 2.12 -7.16
N CYS A 38 2.75 2.64 -6.26
CA CYS A 38 2.26 3.12 -4.99
C CYS A 38 2.62 4.59 -4.81
N HIS A 39 1.68 5.35 -4.24
CA HIS A 39 1.88 6.77 -4.02
C HIS A 39 1.06 7.18 -2.81
N VAL A 40 1.52 8.18 -2.08
CA VAL A 40 0.81 8.62 -0.89
C VAL A 40 -0.49 9.33 -1.27
N SER A 41 -1.61 8.76 -0.84
CA SER A 41 -2.92 9.34 -1.09
C SER A 41 -3.89 8.92 0.01
N GLY A 42 -3.50 9.17 1.26
CA GLY A 42 -4.35 8.78 2.38
C GLY A 42 -3.93 9.43 3.67
N LYS A 43 -4.35 8.83 4.78
CA LYS A 43 -4.00 9.30 6.13
C LYS A 43 -2.48 9.33 6.34
N VAL A 44 -1.77 8.54 5.55
CA VAL A 44 -0.31 8.47 5.61
C VAL A 44 0.31 9.87 5.48
N ARG A 45 -0.31 10.71 4.67
CA ARG A 45 0.20 12.05 4.42
C ARG A 45 0.08 12.92 5.68
N ARG A 46 -1.01 12.75 6.40
CA ARG A 46 -1.28 13.55 7.60
C ARG A 46 -0.53 12.99 8.81
N SER A 47 -0.30 11.68 8.82
CA SER A 47 0.33 11.03 9.95
C SER A 47 1.86 11.08 9.84
N LYS A 48 2.35 11.58 8.70
CA LYS A 48 3.79 11.77 8.47
C LYS A 48 4.53 10.44 8.56
N ILE A 49 3.90 9.39 8.03
CA ILE A 49 4.44 8.04 8.13
C ILE A 49 5.74 7.90 7.33
N ARG A 50 6.74 7.29 7.95
CA ARG A 50 8.03 7.10 7.33
C ARG A 50 8.08 5.79 6.55
N ILE A 51 8.02 5.89 5.23
CA ILE A 51 8.13 4.73 4.36
C ILE A 51 9.60 4.40 4.11
N ILE A 52 10.00 3.18 4.42
CA ILE A 52 11.40 2.78 4.30
C ILE A 52 11.56 1.63 3.31
N ILE A 53 12.72 1.56 2.68
CA ILE A 53 12.99 0.54 1.68
C ILE A 53 13.31 -0.81 2.33
N GLY A 54 12.83 -1.90 1.74
CA GLY A 54 13.15 -3.23 2.23
C GLY A 54 12.15 -3.72 3.25
N ASP A 55 11.07 -2.98 3.41
CA ASP A 55 10.03 -3.32 4.38
C ASP A 55 8.76 -3.76 3.66
N ARG A 56 7.99 -4.62 4.31
CA ARG A 56 6.72 -5.06 3.78
C ARG A 56 5.69 -3.96 3.99
N VAL A 57 4.76 -3.82 3.05
CA VAL A 57 3.76 -2.77 3.16
C VAL A 57 2.37 -3.32 2.88
N LEU A 58 1.37 -2.66 3.43
CA LEU A 58 -0.02 -2.98 3.15
C LEU A 58 -0.59 -1.91 2.25
N VAL A 59 -0.79 -2.25 0.99
CA VAL A 59 -1.24 -1.27 0.01
C VAL A 59 -2.74 -1.34 -0.20
N GLU A 60 -3.38 -0.20 -0.08
CA GLU A 60 -4.83 -0.08 -0.27
C GLU A 60 -5.11 0.54 -1.64
N MET A 61 -5.65 -0.25 -2.56
CA MET A 61 -5.96 0.26 -3.89
C MET A 61 -7.36 -0.17 -4.32
N SER A 62 -7.92 0.56 -5.26
CA SER A 62 -9.28 0.33 -5.71
C SER A 62 -9.30 -0.47 -7.01
N ILE A 63 -10.28 -1.36 -7.13
CA ILE A 63 -10.38 -2.25 -8.29
C ILE A 63 -10.93 -1.52 -9.52
N TYR A 64 -11.17 -0.22 -9.38
CA TYR A 64 -11.80 0.55 -10.44
C TYR A 64 -10.82 0.92 -11.56
N ASP A 65 -10.16 2.08 -11.45
CA ASP A 65 -9.28 2.53 -12.53
C ASP A 65 -8.09 3.36 -12.02
N ARG A 66 -8.36 4.56 -11.52
CA ARG A 66 -7.29 5.46 -11.10
C ARG A 66 -6.39 4.80 -10.06
N ASN A 67 -7.01 4.13 -9.09
CA ASN A 67 -6.26 3.45 -8.05
C ASN A 67 -6.15 1.95 -8.33
N ALA A 68 -6.32 1.58 -9.60
CA ALA A 68 -6.12 0.19 -10.00
C ALA A 68 -4.69 0.00 -10.49
N LYS A 69 -4.05 1.11 -10.81
CA LYS A 69 -2.65 1.11 -11.19
C LYS A 69 -1.80 1.58 -10.02
N LYS A 70 -2.25 2.65 -9.39
CA LYS A 70 -1.56 3.20 -8.21
C LYS A 70 -2.35 2.90 -6.95
N GLY A 71 -1.66 2.52 -5.90
CA GLY A 71 -2.31 2.24 -4.64
C GLY A 71 -1.86 3.18 -3.55
N ARG A 72 -2.54 3.14 -2.42
CA ARG A 72 -2.22 3.99 -1.30
C ARG A 72 -1.27 3.27 -0.36
N ILE A 73 -0.02 3.71 -0.34
CA ILE A 73 1.01 3.05 0.46
C ILE A 73 1.28 3.82 1.75
N ILE A 74 1.54 3.10 2.82
CA ILE A 74 1.89 3.70 4.09
C ILE A 74 3.00 2.90 4.78
N ARG A 75 2.66 1.66 5.16
CA ARG A 75 3.60 0.69 5.74
C ARG A 75 2.81 -0.56 6.12
N ARG A 76 3.49 -1.60 6.54
CA ARG A 76 2.79 -2.78 7.05
C ARG A 76 2.53 -2.58 8.54
N LEU A 77 1.30 -2.86 8.96
CA LEU A 77 0.94 -2.78 10.37
C LEU A 77 1.74 -3.80 11.16
N LYS A 78 2.09 -3.44 12.39
CA LYS A 78 2.94 -4.29 13.24
C LYS A 78 2.45 -5.73 13.25
N GLY A 79 3.35 -6.64 12.90
CA GLY A 79 3.00 -8.03 12.75
C GLY A 79 2.83 -8.75 14.06
N THR A 80 2.14 -9.87 14.01
CA THR A 80 1.91 -10.70 15.19
C THR A 80 2.81 -11.93 15.14
N SER A 81 3.19 -12.45 16.30
CA SER A 81 4.17 -13.52 16.36
C SER A 81 3.54 -14.88 16.57
N ASP A 82 2.21 -14.95 16.53
CA ASP A 82 1.51 -16.23 16.69
C ASP A 82 1.56 -17.01 15.37
N ARG A 83 1.28 -16.31 14.28
CA ARG A 83 1.40 -16.84 12.92
C ARG A 83 0.45 -18.00 12.66
N THR A 84 0.89 -19.20 13.01
CA THR A 84 0.16 -20.41 12.66
C THR A 84 -0.73 -20.87 13.82
N ILE A 85 -0.25 -20.66 15.04
CA ILE A 85 -0.95 -21.17 16.21
C ILE A 85 -1.50 -20.04 17.06
N SER A 86 -2.46 -20.36 17.91
CA SER A 86 -2.99 -19.40 18.85
C SER A 86 -1.99 -19.17 19.98
N LYS A 87 -1.59 -20.25 20.63
CA LYS A 87 -0.57 -20.23 21.65
C LYS A 87 -0.14 -21.65 21.94
N MET A 1 -9.60 11.64 -5.27
CA MET A 1 -10.33 10.47 -4.76
C MET A 1 -10.73 10.69 -3.31
N VAL A 2 -9.77 10.52 -2.41
CA VAL A 2 -9.98 10.67 -0.98
C VAL A 2 -11.19 9.88 -0.48
N LYS A 3 -10.99 8.58 -0.29
CA LYS A 3 -12.03 7.71 0.25
C LYS A 3 -11.42 6.75 1.27
N ASP A 4 -11.61 7.05 2.54
CA ASP A 4 -10.99 6.29 3.61
C ASP A 4 -12.03 5.67 4.52
N GLU A 5 -12.90 6.52 5.09
CA GLU A 5 -13.97 6.08 5.97
C GLU A 5 -14.82 5.03 5.26
N LYS A 6 -15.12 5.28 4.00
CA LYS A 6 -15.76 4.31 3.14
C LYS A 6 -14.79 3.92 2.04
N SER A 7 -14.15 2.76 2.21
CA SER A 7 -13.03 2.37 1.38
C SER A 7 -13.47 1.67 0.10
N LYS A 8 -14.77 1.37 -0.02
CA LYS A 8 -15.30 0.62 -1.15
C LYS A 8 -14.69 -0.78 -1.19
N THR A 9 -14.80 -1.45 -2.34
CA THR A 9 -14.21 -2.77 -2.50
C THR A 9 -12.73 -2.63 -2.89
N LEU A 10 -11.85 -2.91 -1.95
CA LEU A 10 -10.43 -2.78 -2.18
C LEU A 10 -9.69 -3.98 -1.57
N PHE A 11 -8.56 -4.32 -2.16
CA PHE A 11 -7.74 -5.41 -1.64
C PHE A 11 -6.52 -4.84 -0.96
N GLU A 12 -6.33 -5.23 0.29
CA GLU A 12 -5.20 -4.77 1.07
C GLU A 12 -4.05 -5.77 0.94
N VAL A 13 -3.05 -5.39 0.14
CA VAL A 13 -1.94 -6.28 -0.15
C VAL A 13 -0.64 -5.72 0.42
N GLU A 14 0.26 -6.63 0.79
CA GLU A 14 1.51 -6.24 1.41
C GLU A 14 2.69 -6.80 0.62
N GLY A 15 3.67 -5.95 0.38
CA GLY A 15 4.85 -6.35 -0.36
C GLY A 15 6.03 -5.45 -0.06
N ALA A 16 7.23 -5.90 -0.40
CA ALA A 16 8.43 -5.13 -0.14
C ALA A 16 8.70 -4.15 -1.27
N VAL A 17 8.91 -2.88 -0.92
CA VAL A 17 9.22 -1.85 -1.90
C VAL A 17 10.67 -1.98 -2.37
N THR A 18 10.85 -2.09 -3.67
CA THR A 18 12.17 -2.36 -4.23
C THR A 18 12.78 -1.09 -4.84
N ALA A 19 11.94 -0.21 -5.35
CA ALA A 19 12.41 1.00 -6.01
C ALA A 19 11.36 2.10 -5.92
N LEU A 20 11.76 3.31 -6.27
CA LEU A 20 10.85 4.44 -6.29
C LEU A 20 11.19 5.35 -7.46
N LEU A 21 10.21 6.10 -7.90
CA LEU A 21 10.39 7.06 -8.98
C LEU A 21 10.36 8.47 -8.38
N PRO A 22 11.20 9.40 -8.90
CA PRO A 22 11.26 10.79 -8.41
C PRO A 22 9.99 11.59 -8.72
N ALA A 23 8.85 10.92 -8.64
CA ALA A 23 7.56 11.54 -8.87
C ALA A 23 6.59 11.10 -7.78
N ALA A 24 7.15 10.81 -6.61
CA ALA A 24 6.39 10.32 -5.45
C ALA A 24 5.79 8.94 -5.72
N GLU A 25 6.41 8.21 -6.64
CA GLU A 25 5.96 6.88 -7.00
C GLU A 25 6.81 5.83 -6.31
N PHE A 26 6.17 4.80 -5.78
CA PHE A 26 6.86 3.70 -5.13
C PHE A 26 6.48 2.40 -5.85
N ARG A 27 7.39 1.45 -5.91
CA ARG A 27 7.07 0.18 -6.54
C ARG A 27 7.43 -0.99 -5.64
N VAL A 28 6.40 -1.67 -5.17
CA VAL A 28 6.57 -2.88 -4.40
C VAL A 28 6.32 -4.10 -5.29
N LYS A 29 6.95 -5.21 -4.99
CA LYS A 29 6.68 -6.43 -5.74
C LYS A 29 6.04 -7.46 -4.84
N LEU A 30 4.96 -8.05 -5.30
CA LEU A 30 4.26 -9.07 -4.55
C LEU A 30 4.90 -10.42 -4.85
N ASP A 31 4.73 -11.38 -3.95
CA ASP A 31 5.32 -12.71 -4.11
C ASP A 31 4.63 -13.47 -5.24
N ASN A 32 3.63 -12.82 -5.83
CA ASN A 32 2.94 -13.35 -7.00
C ASN A 32 3.68 -12.90 -8.27
N GLU A 33 4.90 -12.38 -8.08
CA GLU A 33 5.80 -12.01 -9.18
C GLU A 33 5.27 -10.80 -9.95
N HIS A 34 4.57 -9.91 -9.26
CA HIS A 34 3.96 -8.75 -9.89
C HIS A 34 4.31 -7.47 -9.13
N GLU A 35 4.57 -6.40 -9.88
CA GLU A 35 4.85 -5.11 -9.26
C GLU A 35 3.58 -4.28 -9.17
N ILE A 36 3.45 -3.52 -8.09
CA ILE A 36 2.29 -2.68 -7.89
C ILE A 36 2.71 -1.21 -7.82
N ILE A 37 1.99 -0.35 -8.53
CA ILE A 37 2.28 1.08 -8.53
C ILE A 37 1.75 1.72 -7.25
N CYS A 38 2.65 2.19 -6.43
CA CYS A 38 2.29 2.80 -5.16
C CYS A 38 2.51 4.30 -5.21
N HIS A 39 1.64 5.05 -4.57
CA HIS A 39 1.75 6.49 -4.53
C HIS A 39 1.18 7.01 -3.22
N VAL A 40 1.61 8.18 -2.79
CA VAL A 40 1.06 8.79 -1.59
C VAL A 40 -0.37 9.26 -1.87
N SER A 41 -1.28 8.92 -0.98
CA SER A 41 -2.68 9.27 -1.15
C SER A 41 -3.15 10.20 -0.02
N GLY A 42 -4.47 10.34 0.08
CA GLY A 42 -5.11 11.27 1.00
C GLY A 42 -4.61 11.19 2.43
N LYS A 43 -5.29 10.39 3.24
CA LYS A 43 -5.04 10.34 4.69
C LYS A 43 -3.55 10.18 5.02
N VAL A 44 -2.85 9.37 4.24
CA VAL A 44 -1.42 9.12 4.47
C VAL A 44 -0.62 10.43 4.41
N ARG A 45 -0.99 11.29 3.47
CA ARG A 45 -0.30 12.56 3.27
C ARG A 45 -0.55 13.49 4.46
N ARG A 46 -1.78 13.49 4.98
CA ARG A 46 -2.13 14.38 6.08
C ARG A 46 -1.58 13.86 7.41
N SER A 47 -1.49 12.55 7.55
CA SER A 47 -0.97 11.94 8.78
C SER A 47 0.56 11.94 8.77
N LYS A 48 1.13 12.28 7.61
CA LYS A 48 2.58 12.42 7.46
C LYS A 48 3.29 11.09 7.63
N ILE A 49 2.66 10.03 7.13
CA ILE A 49 3.26 8.70 7.17
C ILE A 49 4.38 8.61 6.13
N ARG A 50 5.44 7.90 6.47
CA ARG A 50 6.61 7.81 5.61
C ARG A 50 6.83 6.39 5.13
N ILE A 51 6.79 6.20 3.82
CA ILE A 51 7.09 4.91 3.21
C ILE A 51 8.60 4.79 2.99
N ILE A 52 9.23 3.84 3.64
CA ILE A 52 10.67 3.67 3.55
C ILE A 52 11.02 2.46 2.69
N ILE A 53 12.15 2.55 1.99
CA ILE A 53 12.61 1.45 1.16
C ILE A 53 13.29 0.39 2.03
N GLY A 54 12.90 -0.87 1.82
CA GLY A 54 13.52 -1.96 2.56
C GLY A 54 12.55 -2.69 3.44
N ASP A 55 11.42 -2.05 3.74
CA ASP A 55 10.41 -2.67 4.58
C ASP A 55 9.28 -3.21 3.71
N ARG A 56 8.58 -4.20 4.23
CA ARG A 56 7.47 -4.82 3.52
C ARG A 56 6.18 -4.18 3.99
N VAL A 57 5.56 -3.40 3.13
CA VAL A 57 4.53 -2.48 3.56
C VAL A 57 3.17 -2.81 2.96
N LEU A 58 2.15 -2.08 3.41
CA LEU A 58 0.78 -2.32 3.01
C LEU A 58 0.32 -1.24 2.03
N VAL A 59 -0.14 -1.69 0.88
CA VAL A 59 -0.72 -0.79 -0.11
C VAL A 59 -2.16 -1.19 -0.37
N GLU A 60 -3.07 -0.26 -0.12
CA GLU A 60 -4.50 -0.52 -0.23
C GLU A 60 -5.01 -0.02 -1.56
N MET A 61 -5.36 -0.94 -2.44
CA MET A 61 -5.82 -0.58 -3.79
C MET A 61 -7.17 -1.22 -4.08
N SER A 62 -7.94 -0.57 -4.95
CA SER A 62 -9.27 -1.03 -5.28
C SER A 62 -9.28 -1.80 -6.59
N ILE A 63 -10.12 -2.82 -6.67
CA ILE A 63 -10.17 -3.71 -7.83
C ILE A 63 -10.99 -3.08 -8.97
N TYR A 64 -11.45 -1.84 -8.78
CA TYR A 64 -12.27 -1.18 -9.80
C TYR A 64 -11.45 -0.74 -11.01
N ASP A 65 -10.98 0.51 -11.01
CA ASP A 65 -10.19 1.02 -12.13
C ASP A 65 -9.17 2.07 -11.70
N ARG A 66 -9.66 3.22 -11.27
CA ARG A 66 -8.79 4.36 -10.93
C ARG A 66 -7.83 4.02 -9.80
N ASN A 67 -8.31 3.29 -8.82
CA ASN A 67 -7.49 2.90 -7.68
C ASN A 67 -6.97 1.49 -7.86
N ALA A 68 -6.97 1.01 -9.10
CA ALA A 68 -6.52 -0.35 -9.41
C ALA A 68 -5.05 -0.38 -9.77
N LYS A 69 -4.60 0.63 -10.51
CA LYS A 69 -3.20 0.71 -10.89
C LYS A 69 -2.38 1.22 -9.72
N LYS A 70 -2.90 2.24 -9.07
CA LYS A 70 -2.23 2.85 -7.93
C LYS A 70 -3.16 2.91 -6.73
N GLY A 71 -2.61 2.63 -5.57
CA GLY A 71 -3.39 2.63 -4.35
C GLY A 71 -2.72 3.43 -3.26
N ARG A 72 -3.32 3.44 -2.08
CA ARG A 72 -2.77 4.19 -0.96
C ARG A 72 -1.83 3.30 -0.15
N ILE A 73 -0.55 3.59 -0.24
CA ILE A 73 0.46 2.86 0.50
C ILE A 73 0.80 3.63 1.77
N ILE A 74 0.82 2.94 2.90
CA ILE A 74 1.09 3.61 4.17
C ILE A 74 2.37 3.09 4.82
N ARG A 75 2.39 1.84 5.27
CA ARG A 75 3.57 1.23 5.89
C ARG A 75 3.20 -0.15 6.42
N ARG A 76 4.20 -0.89 6.88
CA ARG A 76 3.96 -2.14 7.57
C ARG A 76 3.55 -1.87 9.01
N LEU A 77 2.43 -2.45 9.43
CA LEU A 77 2.00 -2.34 10.81
C LEU A 77 3.05 -2.99 11.71
N LYS A 78 3.57 -2.23 12.66
CA LYS A 78 4.61 -2.72 13.53
C LYS A 78 4.02 -3.62 14.61
N GLY A 79 4.85 -4.44 15.23
CA GLY A 79 4.37 -5.42 16.17
C GLY A 79 3.72 -6.61 15.47
N THR A 80 2.60 -6.34 14.80
CA THR A 80 1.88 -7.32 14.00
C THR A 80 1.37 -8.48 14.85
N SER A 81 0.11 -8.39 15.26
CA SER A 81 -0.51 -9.41 16.07
C SER A 81 -1.21 -10.46 15.20
N ASP A 82 -0.42 -11.33 14.59
CA ASP A 82 -0.97 -12.41 13.76
C ASP A 82 -1.50 -13.51 14.65
N ARG A 83 -0.68 -13.92 15.61
CA ARG A 83 -0.95 -15.08 16.45
C ARG A 83 -1.03 -16.34 15.58
N THR A 84 -2.24 -16.69 15.19
CA THR A 84 -2.49 -17.84 14.34
C THR A 84 -3.90 -17.71 13.75
N ILE A 85 -4.85 -17.36 14.64
CA ILE A 85 -6.26 -17.07 14.31
C ILE A 85 -6.92 -18.17 13.47
N SER A 86 -6.35 -19.36 13.50
CA SER A 86 -6.93 -20.50 12.79
C SER A 86 -6.92 -21.72 13.69
N LYS A 87 -7.84 -22.64 13.45
CA LYS A 87 -7.94 -23.85 14.24
C LYS A 87 -6.72 -24.74 14.02
N MET A 1 -7.21 13.69 -1.39
CA MET A 1 -7.04 13.52 -2.84
C MET A 1 -8.14 14.26 -3.57
N VAL A 2 -7.93 14.58 -4.85
CA VAL A 2 -8.98 15.19 -5.66
C VAL A 2 -10.19 14.26 -5.77
N LYS A 3 -9.92 13.00 -6.05
CA LYS A 3 -10.94 11.97 -6.01
C LYS A 3 -11.00 11.38 -4.61
N ASP A 4 -11.56 12.14 -3.69
CA ASP A 4 -11.61 11.75 -2.28
C ASP A 4 -13.00 11.30 -1.90
N GLU A 5 -13.97 12.15 -2.17
CA GLU A 5 -15.36 11.91 -1.79
C GLU A 5 -15.95 10.72 -2.56
N LYS A 6 -15.41 10.44 -3.73
CA LYS A 6 -16.00 9.42 -4.59
C LYS A 6 -15.29 8.08 -4.45
N SER A 7 -14.27 8.01 -3.60
CA SER A 7 -13.55 6.77 -3.39
C SER A 7 -13.92 6.15 -2.05
N LYS A 8 -14.89 5.24 -2.08
CA LYS A 8 -15.36 4.57 -0.88
C LYS A 8 -15.54 3.07 -1.11
N THR A 9 -15.83 2.70 -2.35
CA THR A 9 -15.93 1.30 -2.72
C THR A 9 -14.61 0.83 -3.33
N LEU A 10 -13.73 0.28 -2.48
CA LEU A 10 -12.42 -0.15 -2.94
C LEU A 10 -11.91 -1.31 -2.09
N PHE A 11 -10.83 -1.94 -2.55
CA PHE A 11 -10.31 -3.14 -1.91
C PHE A 11 -9.04 -2.83 -1.14
N GLU A 12 -8.99 -3.27 0.11
CA GLU A 12 -7.88 -2.97 1.01
C GLU A 12 -7.18 -4.25 1.46
N VAL A 13 -5.86 -4.29 1.29
CA VAL A 13 -5.06 -5.44 1.71
C VAL A 13 -3.72 -5.01 2.30
N GLU A 14 -2.95 -5.99 2.75
CA GLU A 14 -1.64 -5.74 3.33
C GLU A 14 -0.54 -5.90 2.29
N GLY A 15 0.68 -5.55 2.69
CA GLY A 15 1.85 -5.72 1.85
C GLY A 15 3.10 -5.33 2.59
N ALA A 16 4.25 -5.54 1.98
CA ALA A 16 5.52 -5.16 2.58
C ALA A 16 6.37 -4.38 1.59
N VAL A 17 6.76 -3.17 1.97
CA VAL A 17 7.55 -2.30 1.10
C VAL A 17 8.97 -2.81 0.96
N THR A 18 9.46 -2.84 -0.27
CA THR A 18 10.81 -3.32 -0.54
C THR A 18 11.76 -2.16 -0.81
N ALA A 19 11.34 -1.24 -1.66
CA ALA A 19 12.16 -0.10 -2.02
C ALA A 19 11.30 1.08 -2.46
N LEU A 20 11.91 2.25 -2.58
CA LEU A 20 11.20 3.45 -3.00
C LEU A 20 11.99 4.22 -4.04
N LEU A 21 11.27 5.00 -4.83
CA LEU A 21 11.88 5.88 -5.81
C LEU A 21 11.51 7.32 -5.46
N PRO A 22 12.45 8.27 -5.59
CA PRO A 22 12.23 9.69 -5.22
C PRO A 22 11.12 10.38 -6.04
N ALA A 23 10.45 9.61 -6.88
CA ALA A 23 9.34 10.13 -7.66
C ALA A 23 8.02 9.90 -6.91
N ALA A 24 8.10 9.87 -5.58
CA ALA A 24 6.94 9.59 -4.73
C ALA A 24 6.40 8.20 -5.03
N GLU A 25 7.28 7.34 -5.50
CA GLU A 25 6.90 6.02 -5.99
C GLU A 25 7.46 4.94 -5.07
N PHE A 26 6.64 3.95 -4.78
CA PHE A 26 7.05 2.85 -3.92
C PHE A 26 6.80 1.52 -4.63
N ARG A 27 7.44 0.48 -4.14
CA ARG A 27 7.20 -0.86 -4.65
C ARG A 27 7.11 -1.86 -3.52
N VAL A 28 5.92 -2.40 -3.35
CA VAL A 28 5.68 -3.42 -2.35
C VAL A 28 5.21 -4.69 -3.05
N LYS A 29 5.42 -5.83 -2.42
CA LYS A 29 4.98 -7.09 -2.99
C LYS A 29 3.95 -7.76 -2.10
N LEU A 30 2.85 -8.16 -2.72
CA LEU A 30 1.87 -8.98 -2.05
C LEU A 30 2.46 -10.37 -1.86
N ASP A 31 2.12 -11.02 -0.76
CA ASP A 31 2.71 -12.33 -0.44
C ASP A 31 2.23 -13.41 -1.40
N ASN A 32 1.41 -13.01 -2.36
CA ASN A 32 0.93 -13.93 -3.41
C ASN A 32 1.60 -13.58 -4.74
N GLU A 33 2.85 -13.15 -4.66
CA GLU A 33 3.70 -12.94 -5.84
C GLU A 33 3.22 -11.81 -6.75
N HIS A 34 2.74 -10.72 -6.17
CA HIS A 34 2.30 -9.59 -6.97
C HIS A 34 2.92 -8.29 -6.48
N GLU A 35 3.70 -7.66 -7.35
CA GLU A 35 4.30 -6.37 -7.03
C GLU A 35 3.55 -5.25 -7.75
N ILE A 36 3.13 -4.26 -7.00
CA ILE A 36 2.33 -3.18 -7.56
C ILE A 36 3.04 -1.84 -7.46
N ILE A 37 2.80 -0.98 -8.44
CA ILE A 37 3.36 0.36 -8.44
C ILE A 37 2.65 1.21 -7.40
N CYS A 38 3.37 1.57 -6.36
CA CYS A 38 2.77 2.29 -5.25
C CYS A 38 3.01 3.78 -5.37
N HIS A 39 2.01 4.57 -5.01
CA HIS A 39 2.12 6.02 -5.07
C HIS A 39 1.22 6.64 -4.01
N VAL A 40 1.78 7.51 -3.18
CA VAL A 40 0.99 8.14 -2.12
C VAL A 40 0.03 9.17 -2.71
N SER A 41 -1.26 8.92 -2.51
CA SER A 41 -2.32 9.80 -3.00
C SER A 41 -3.62 9.56 -2.25
N GLY A 42 -3.57 9.64 -0.92
CA GLY A 42 -4.76 9.36 -0.14
C GLY A 42 -4.66 9.85 1.28
N LYS A 43 -5.10 9.00 2.21
CA LYS A 43 -5.18 9.32 3.63
C LYS A 43 -3.81 9.65 4.22
N VAL A 44 -2.75 9.23 3.51
CA VAL A 44 -1.38 9.53 3.90
C VAL A 44 -1.19 11.04 4.10
N ARG A 45 -1.82 11.80 3.21
CA ARG A 45 -1.70 13.26 3.21
C ARG A 45 -2.43 13.86 4.41
N ARG A 46 -3.46 13.18 4.88
CA ARG A 46 -4.25 13.67 6.00
C ARG A 46 -3.51 13.49 7.32
N SER A 47 -3.07 12.25 7.57
CA SER A 47 -2.53 11.89 8.87
C SER A 47 -1.03 12.11 8.94
N LYS A 48 -0.40 12.40 7.79
CA LYS A 48 1.04 12.63 7.73
C LYS A 48 1.82 11.46 8.30
N ILE A 49 1.45 10.25 7.91
CA ILE A 49 2.12 9.05 8.40
C ILE A 49 3.40 8.78 7.59
N ARG A 50 4.45 8.37 8.30
CA ARG A 50 5.75 8.16 7.68
C ARG A 50 5.87 6.73 7.13
N ILE A 51 6.20 6.63 5.86
CA ILE A 51 6.42 5.32 5.23
C ILE A 51 7.90 4.96 5.31
N ILE A 52 8.19 3.79 5.86
CA ILE A 52 9.57 3.32 5.98
C ILE A 52 9.73 1.92 5.41
N ILE A 53 10.91 1.64 4.87
CA ILE A 53 11.18 0.33 4.28
C ILE A 53 11.39 -0.71 5.39
N GLY A 54 10.86 -1.90 5.16
CA GLY A 54 11.01 -2.98 6.12
C GLY A 54 9.75 -3.20 6.93
N ASP A 55 8.85 -2.22 6.89
CA ASP A 55 7.61 -2.30 7.63
C ASP A 55 6.51 -2.81 6.71
N ARG A 56 5.33 -3.03 7.28
CA ARG A 56 4.19 -3.49 6.50
C ARG A 56 3.39 -2.28 6.03
N VAL A 57 2.68 -2.43 4.94
CA VAL A 57 1.90 -1.33 4.40
C VAL A 57 0.46 -1.74 4.18
N LEU A 58 -0.43 -0.77 4.23
CA LEU A 58 -1.83 -0.99 3.94
C LEU A 58 -2.14 -0.35 2.59
N VAL A 59 -2.63 -1.15 1.67
CA VAL A 59 -2.91 -0.66 0.33
C VAL A 59 -4.39 -0.75 0.00
N GLU A 60 -4.97 0.40 -0.32
CA GLU A 60 -6.34 0.48 -0.76
C GLU A 60 -6.40 0.83 -2.24
N MET A 61 -6.88 -0.10 -3.05
CA MET A 61 -6.96 0.10 -4.50
C MET A 61 -8.39 -0.07 -4.99
N SER A 62 -8.67 0.49 -6.15
CA SER A 62 -10.04 0.47 -6.68
C SER A 62 -10.21 -0.64 -7.70
N ILE A 63 -11.27 -1.42 -7.52
CA ILE A 63 -11.57 -2.54 -8.41
C ILE A 63 -12.00 -2.06 -9.79
N TYR A 64 -12.41 -0.79 -9.87
CA TYR A 64 -12.92 -0.22 -11.11
C TYR A 64 -11.89 -0.25 -12.25
N ASP A 65 -11.07 0.80 -12.34
CA ASP A 65 -10.16 0.95 -13.47
C ASP A 65 -8.89 1.70 -13.11
N ARG A 66 -9.03 3.00 -12.84
CA ARG A 66 -7.89 3.90 -12.64
C ARG A 66 -6.92 3.38 -11.57
N ASN A 67 -7.46 2.98 -10.43
CA ASN A 67 -6.62 2.53 -9.32
C ASN A 67 -6.54 1.01 -9.24
N ALA A 68 -6.71 0.35 -10.38
CA ALA A 68 -6.65 -1.11 -10.43
C ALA A 68 -5.20 -1.60 -10.32
N LYS A 69 -4.30 -0.96 -11.06
CA LYS A 69 -2.89 -1.38 -11.06
C LYS A 69 -2.10 -0.66 -9.97
N LYS A 70 -2.67 0.40 -9.42
CA LYS A 70 -2.00 1.16 -8.39
C LYS A 70 -2.98 1.66 -7.34
N GLY A 71 -2.62 1.51 -6.09
CA GLY A 71 -3.49 1.87 -5.00
C GLY A 71 -2.83 2.83 -4.04
N ARG A 72 -3.53 3.15 -2.96
CA ARG A 72 -2.98 4.04 -1.95
C ARG A 72 -2.29 3.23 -0.88
N ILE A 73 -0.98 3.30 -0.85
CA ILE A 73 -0.18 2.63 0.17
C ILE A 73 0.21 3.62 1.25
N ILE A 74 -0.13 3.32 2.50
CA ILE A 74 0.22 4.24 3.58
C ILE A 74 1.16 3.59 4.62
N ARG A 75 0.65 2.63 5.41
CA ARG A 75 1.47 1.95 6.42
C ARG A 75 0.58 1.04 7.26
N ARG A 76 1.13 -0.07 7.74
CA ARG A 76 0.45 -0.91 8.71
C ARG A 76 1.46 -1.60 9.60
N LEU A 77 1.07 -1.83 10.85
CA LEU A 77 1.87 -2.61 11.78
C LEU A 77 2.27 -3.96 11.18
N LYS A 78 3.42 -4.49 11.58
CA LYS A 78 3.88 -5.80 11.14
C LYS A 78 2.93 -6.90 11.62
N GLY A 79 3.24 -8.14 11.27
CA GLY A 79 2.48 -9.27 11.76
C GLY A 79 2.80 -9.55 13.21
N THR A 80 2.22 -10.60 13.76
CA THR A 80 2.43 -10.95 15.15
C THR A 80 2.83 -12.41 15.29
N SER A 81 3.58 -12.72 16.34
CA SER A 81 4.04 -14.08 16.62
C SER A 81 5.03 -14.57 15.56
N ASP A 82 5.51 -15.80 15.72
CA ASP A 82 6.48 -16.37 14.79
C ASP A 82 5.77 -17.16 13.70
N ARG A 83 4.45 -17.21 13.80
CA ARG A 83 3.60 -17.91 12.83
C ARG A 83 3.88 -19.42 12.83
N THR A 84 4.92 -19.84 12.12
CA THR A 84 5.17 -21.26 11.94
C THR A 84 6.67 -21.59 12.10
N ILE A 85 7.52 -20.57 12.20
CA ILE A 85 8.95 -20.80 12.28
C ILE A 85 9.38 -21.27 13.67
N SER A 86 9.21 -22.56 13.92
CA SER A 86 9.60 -23.16 15.19
C SER A 86 11.00 -23.75 15.11
N LYS A 87 11.73 -23.37 14.07
CA LYS A 87 13.09 -23.82 13.87
C LYS A 87 13.97 -22.63 13.51
N MET A 1 -13.66 14.57 5.08
CA MET A 1 -13.10 14.73 3.72
C MET A 1 -14.24 14.68 2.71
N VAL A 2 -13.96 14.24 1.48
CA VAL A 2 -15.00 13.97 0.51
C VAL A 2 -15.31 12.47 0.49
N LYS A 3 -14.36 11.68 0.97
CA LYS A 3 -14.53 10.24 1.09
C LYS A 3 -14.86 9.90 2.54
N ASP A 4 -16.14 9.92 2.87
CA ASP A 4 -16.58 9.68 4.24
C ASP A 4 -17.54 8.50 4.29
N GLU A 5 -18.76 8.71 3.83
CA GLU A 5 -19.74 7.64 3.76
C GLU A 5 -19.57 6.84 2.48
N LYS A 6 -19.18 7.52 1.42
CA LYS A 6 -19.04 6.90 0.12
C LYS A 6 -17.56 6.64 -0.18
N SER A 7 -16.81 6.31 0.86
CA SER A 7 -15.38 6.07 0.74
C SER A 7 -15.10 4.78 -0.06
N LYS A 8 -16.01 3.82 0.06
CA LYS A 8 -15.91 2.51 -0.62
C LYS A 8 -14.84 1.62 0.00
N THR A 9 -14.86 0.36 -0.41
CA THR A 9 -13.97 -0.64 0.15
C THR A 9 -12.65 -0.72 -0.62
N LEU A 10 -11.56 -0.87 0.11
CA LEU A 10 -10.26 -1.09 -0.49
C LEU A 10 -9.66 -2.39 0.02
N PHE A 11 -8.84 -3.02 -0.80
CA PHE A 11 -8.19 -4.26 -0.40
C PHE A 11 -6.79 -3.96 0.11
N GLU A 12 -6.49 -4.43 1.30
CA GLU A 12 -5.21 -4.17 1.92
C GLU A 12 -4.35 -5.42 1.88
N VAL A 13 -3.22 -5.34 1.19
CA VAL A 13 -2.34 -6.48 1.05
C VAL A 13 -0.89 -6.08 1.35
N GLU A 14 -0.08 -7.05 1.74
CA GLU A 14 1.30 -6.80 2.11
C GLU A 14 2.23 -7.06 0.93
N GLY A 15 3.30 -6.28 0.85
CA GLY A 15 4.28 -6.46 -0.21
C GLY A 15 5.65 -5.98 0.20
N ALA A 16 6.54 -5.84 -0.77
CA ALA A 16 7.89 -5.36 -0.50
C ALA A 16 8.27 -4.27 -1.50
N VAL A 17 8.76 -3.16 -0.98
CA VAL A 17 9.11 -2.01 -1.82
C VAL A 17 10.38 -2.28 -2.62
N THR A 18 10.33 -1.99 -3.91
CA THR A 18 11.47 -2.20 -4.78
C THR A 18 12.27 -0.91 -4.99
N ALA A 19 11.56 0.16 -5.32
CA ALA A 19 12.18 1.44 -5.63
C ALA A 19 11.15 2.54 -5.72
N LEU A 20 11.60 3.78 -5.77
CA LEU A 20 10.71 4.94 -5.86
C LEU A 20 11.21 5.92 -6.90
N LEU A 21 10.27 6.69 -7.45
CA LEU A 21 10.59 7.75 -8.39
C LEU A 21 10.51 9.09 -7.67
N PRO A 22 11.28 10.10 -8.13
CA PRO A 22 11.30 11.43 -7.50
C PRO A 22 9.94 12.13 -7.54
N ALA A 23 9.01 11.57 -8.30
CA ALA A 23 7.67 12.13 -8.44
C ALA A 23 6.72 11.51 -7.41
N ALA A 24 7.29 10.90 -6.37
CA ALA A 24 6.51 10.27 -5.28
C ALA A 24 5.79 9.02 -5.77
N GLU A 25 6.24 8.46 -6.88
CA GLU A 25 5.72 7.21 -7.40
C GLU A 25 6.56 6.05 -6.86
N PHE A 26 5.91 4.99 -6.44
CA PHE A 26 6.61 3.86 -5.85
C PHE A 26 6.31 2.58 -6.63
N ARG A 27 7.19 1.61 -6.51
CA ARG A 27 6.95 0.29 -7.07
C ARG A 27 7.28 -0.77 -6.04
N VAL A 28 6.31 -1.64 -5.78
CA VAL A 28 6.49 -2.71 -4.82
C VAL A 28 5.99 -4.01 -5.41
N LYS A 29 6.51 -5.14 -4.95
CA LYS A 29 6.04 -6.41 -5.44
C LYS A 29 5.25 -7.16 -4.38
N LEU A 30 4.20 -7.81 -4.82
CA LEU A 30 3.49 -8.76 -3.98
C LEU A 30 4.41 -9.94 -3.72
N ASP A 31 4.20 -10.61 -2.61
CA ASP A 31 5.10 -11.69 -2.19
C ASP A 31 5.07 -12.86 -3.18
N ASN A 32 4.12 -12.82 -4.10
CA ASN A 32 3.96 -13.88 -5.10
C ASN A 32 4.66 -13.50 -6.42
N GLU A 33 5.71 -12.68 -6.31
CA GLU A 33 6.61 -12.35 -7.44
C GLU A 33 5.95 -11.44 -8.47
N HIS A 34 4.91 -10.72 -8.09
CA HIS A 34 4.26 -9.82 -9.04
C HIS A 34 4.30 -8.39 -8.54
N GLU A 35 4.95 -7.52 -9.31
CA GLU A 35 5.12 -6.13 -8.89
C GLU A 35 3.93 -5.28 -9.29
N ILE A 36 3.59 -4.33 -8.44
CA ILE A 36 2.53 -3.39 -8.70
C ILE A 36 3.02 -1.98 -8.46
N ILE A 37 2.45 -1.02 -9.17
CA ILE A 37 2.86 0.36 -9.04
C ILE A 37 2.00 1.04 -7.97
N CYS A 38 2.61 1.87 -7.14
CA CYS A 38 1.91 2.51 -6.05
C CYS A 38 2.40 3.93 -5.86
N HIS A 39 1.68 4.71 -5.08
CA HIS A 39 2.13 6.05 -4.72
C HIS A 39 1.47 6.49 -3.43
N VAL A 40 1.92 7.60 -2.87
CA VAL A 40 1.32 8.14 -1.66
C VAL A 40 -0.04 8.75 -1.98
N SER A 41 -0.95 8.65 -1.04
CA SER A 41 -2.29 9.21 -1.20
C SER A 41 -2.57 10.23 -0.09
N GLY A 42 -3.85 10.58 0.06
CA GLY A 42 -4.31 11.57 1.02
C GLY A 42 -3.66 11.48 2.40
N LYS A 43 -4.31 10.71 3.28
CA LYS A 43 -3.86 10.57 4.68
C LYS A 43 -2.35 10.36 4.78
N VAL A 44 -1.81 9.49 3.94
CA VAL A 44 -0.38 9.16 3.99
C VAL A 44 0.49 10.41 3.89
N ARG A 45 0.15 11.30 2.97
CA ARG A 45 0.97 12.48 2.70
C ARG A 45 0.99 13.41 3.91
N ARG A 46 -0.19 13.73 4.45
CA ARG A 46 -0.28 14.70 5.53
C ARG A 46 -0.09 14.06 6.90
N SER A 47 0.09 12.74 6.92
CA SER A 47 0.42 12.05 8.15
C SER A 47 1.93 11.87 8.24
N LYS A 48 2.61 12.11 7.12
CA LYS A 48 4.07 12.04 7.05
C LYS A 48 4.59 10.66 7.44
N ILE A 49 4.46 9.72 6.53
CA ILE A 49 4.98 8.38 6.75
C ILE A 49 6.22 8.16 5.90
N ARG A 50 7.35 7.93 6.55
CA ARG A 50 8.61 7.73 5.84
C ARG A 50 8.71 6.34 5.26
N ILE A 51 8.56 6.23 3.95
CA ILE A 51 8.71 4.95 3.26
C ILE A 51 10.18 4.73 2.90
N ILE A 52 10.70 3.56 3.23
CA ILE A 52 12.11 3.25 2.99
C ILE A 52 12.26 2.00 2.14
N ILE A 53 13.32 1.94 1.34
CA ILE A 53 13.61 0.79 0.50
C ILE A 53 14.21 -0.34 1.34
N GLY A 54 13.81 -1.57 1.05
CA GLY A 54 14.36 -2.71 1.75
C GLY A 54 13.55 -3.08 2.97
N ASP A 55 12.26 -2.76 2.94
CA ASP A 55 11.37 -3.05 4.04
C ASP A 55 10.03 -3.52 3.50
N ARG A 56 9.22 -4.12 4.36
CA ARG A 56 7.89 -4.55 3.98
C ARG A 56 6.96 -3.35 3.92
N VAL A 57 5.95 -3.42 3.08
CA VAL A 57 4.99 -2.34 2.96
C VAL A 57 3.58 -2.88 2.90
N LEU A 58 2.64 -2.08 3.37
CA LEU A 58 1.23 -2.40 3.26
C LEU A 58 0.60 -1.49 2.23
N VAL A 59 0.00 -2.08 1.21
CA VAL A 59 -0.62 -1.31 0.16
C VAL A 59 -2.14 -1.48 0.19
N GLU A 60 -2.83 -0.36 0.13
CA GLU A 60 -4.29 -0.33 0.17
C GLU A 60 -4.83 0.13 -1.17
N MET A 61 -5.48 -0.76 -1.90
CA MET A 61 -5.99 -0.43 -3.22
C MET A 61 -7.33 -1.12 -3.48
N SER A 62 -8.20 -0.46 -4.21
CA SER A 62 -9.50 -1.01 -4.55
C SER A 62 -9.39 -1.89 -5.80
N ILE A 63 -10.14 -2.98 -5.82
CA ILE A 63 -10.07 -3.96 -6.91
C ILE A 63 -10.84 -3.45 -8.14
N TYR A 64 -11.35 -2.22 -8.07
CA TYR A 64 -12.17 -1.67 -9.14
C TYR A 64 -11.33 -1.24 -10.35
N ASP A 65 -10.85 0.00 -10.35
CA ASP A 65 -10.11 0.52 -11.51
C ASP A 65 -9.05 1.53 -11.14
N ARG A 66 -9.47 2.68 -10.60
CA ARG A 66 -8.54 3.77 -10.29
C ARG A 66 -7.43 3.33 -9.35
N ASN A 67 -7.74 2.42 -8.44
CA ASN A 67 -6.75 1.89 -7.51
C ASN A 67 -6.26 0.51 -7.95
N ALA A 68 -6.53 0.12 -9.18
CA ALA A 68 -6.22 -1.23 -9.64
C ALA A 68 -4.78 -1.33 -10.15
N LYS A 69 -4.27 -0.25 -10.73
CA LYS A 69 -2.91 -0.24 -11.25
C LYS A 69 -1.97 0.45 -10.26
N LYS A 70 -2.48 1.50 -9.64
CA LYS A 70 -1.76 2.20 -8.58
C LYS A 70 -2.54 2.17 -7.28
N GLY A 71 -1.86 1.79 -6.21
CA GLY A 71 -2.47 1.81 -4.90
C GLY A 71 -1.77 2.78 -3.98
N ARG A 72 -2.29 2.96 -2.79
CA ARG A 72 -1.66 3.84 -1.81
C ARG A 72 -0.75 3.02 -0.90
N ILE A 73 0.50 3.42 -0.84
CA ILE A 73 1.49 2.73 -0.01
C ILE A 73 1.82 3.58 1.22
N ILE A 74 1.91 2.94 2.37
CA ILE A 74 2.28 3.64 3.59
C ILE A 74 3.56 3.06 4.21
N ARG A 75 3.48 1.83 4.72
CA ARG A 75 4.65 1.12 5.26
C ARG A 75 4.19 -0.18 5.89
N ARG A 76 5.15 -0.98 6.37
CA ARG A 76 4.85 -2.18 7.13
C ARG A 76 4.28 -1.81 8.49
N LEU A 77 3.44 -2.67 9.03
CA LEU A 77 3.06 -2.59 10.42
C LEU A 77 3.07 -3.98 11.01
N LYS A 78 2.82 -4.09 12.31
CA LYS A 78 2.73 -5.39 12.95
C LYS A 78 1.49 -6.12 12.45
N GLY A 79 1.73 -7.16 11.65
CA GLY A 79 0.65 -7.78 10.90
C GLY A 79 -0.12 -8.82 11.69
N THR A 80 -0.83 -8.36 12.71
CA THR A 80 -1.71 -9.25 13.43
C THR A 80 -3.06 -9.32 12.70
N SER A 81 -3.21 -10.33 11.87
CA SER A 81 -4.40 -10.45 11.03
C SER A 81 -5.01 -11.85 11.10
N ASP A 82 -6.22 -11.98 10.60
CA ASP A 82 -7.03 -13.20 10.74
C ASP A 82 -6.46 -14.38 9.94
N ARG A 83 -5.33 -14.15 9.28
CA ARG A 83 -4.74 -15.16 8.40
C ARG A 83 -4.29 -16.41 9.16
N THR A 84 -3.84 -16.25 10.41
CA THR A 84 -3.35 -17.40 11.16
C THR A 84 -3.44 -17.17 12.68
N ILE A 85 -4.30 -16.25 13.10
CA ILE A 85 -4.44 -15.97 14.53
C ILE A 85 -5.47 -16.90 15.18
N SER A 86 -5.68 -18.04 14.56
CA SER A 86 -6.62 -19.03 15.07
C SER A 86 -5.92 -20.37 15.23
N LYS A 87 -4.59 -20.34 15.21
CA LYS A 87 -3.79 -21.54 15.35
C LYS A 87 -2.43 -21.20 15.92
N MET A 1 -8.87 11.44 -2.09
CA MET A 1 -8.55 11.61 -3.54
C MET A 1 -9.79 12.07 -4.29
N VAL A 2 -9.64 12.38 -5.58
CA VAL A 2 -10.79 12.76 -6.40
C VAL A 2 -11.70 11.57 -6.63
N LYS A 3 -11.12 10.44 -6.97
CA LYS A 3 -11.85 9.19 -7.08
C LYS A 3 -11.73 8.46 -5.75
N ASP A 4 -12.61 8.80 -4.82
CA ASP A 4 -12.49 8.33 -3.44
C ASP A 4 -13.79 7.74 -2.93
N GLU A 5 -14.89 8.42 -3.25
CA GLU A 5 -16.21 7.99 -2.82
C GLU A 5 -16.54 6.62 -3.40
N LYS A 6 -16.05 6.36 -4.60
CA LYS A 6 -16.26 5.08 -5.25
C LYS A 6 -15.06 4.16 -5.03
N SER A 7 -14.20 4.55 -4.11
CA SER A 7 -13.06 3.72 -3.73
C SER A 7 -13.31 3.13 -2.35
N LYS A 8 -14.52 3.33 -1.84
CA LYS A 8 -14.91 2.81 -0.55
C LYS A 8 -14.98 1.30 -0.58
N THR A 9 -15.32 0.74 -1.73
CA THR A 9 -15.26 -0.69 -1.93
C THR A 9 -13.86 -1.08 -2.40
N LEU A 10 -12.94 -1.18 -1.46
CA LEU A 10 -11.56 -1.49 -1.76
C LEU A 10 -11.06 -2.58 -0.83
N PHE A 11 -9.92 -3.14 -1.13
CA PHE A 11 -9.33 -4.16 -0.29
C PHE A 11 -8.10 -3.61 0.39
N GLU A 12 -8.08 -3.68 1.71
CA GLU A 12 -6.96 -3.20 2.49
C GLU A 12 -6.09 -4.38 2.89
N VAL A 13 -4.90 -4.46 2.33
CA VAL A 13 -4.04 -5.62 2.55
C VAL A 13 -2.63 -5.20 2.97
N GLU A 14 -1.89 -6.14 3.54
CA GLU A 14 -0.53 -5.89 3.99
C GLU A 14 0.46 -6.24 2.90
N GLY A 15 1.37 -5.33 2.61
CA GLY A 15 2.40 -5.59 1.64
C GLY A 15 3.78 -5.28 2.20
N ALA A 16 4.81 -5.85 1.62
CA ALA A 16 6.16 -5.59 2.07
C ALA A 16 6.87 -4.66 1.11
N VAL A 17 7.36 -3.54 1.63
CA VAL A 17 8.04 -2.55 0.80
C VAL A 17 9.45 -3.01 0.46
N THR A 18 9.80 -2.94 -0.81
CA THR A 18 11.11 -3.41 -1.26
C THR A 18 11.85 -2.34 -2.06
N ALA A 19 11.12 -1.36 -2.59
CA ALA A 19 11.73 -0.31 -3.41
C ALA A 19 10.79 0.87 -3.61
N LEU A 20 11.35 1.95 -4.13
CA LEU A 20 10.58 3.13 -4.49
C LEU A 20 11.17 3.76 -5.76
N LEU A 21 10.32 4.40 -6.55
CA LEU A 21 10.77 5.00 -7.80
C LEU A 21 10.86 6.52 -7.65
N PRO A 22 11.67 7.16 -8.51
CA PRO A 22 11.85 8.63 -8.51
C PRO A 22 10.54 9.38 -8.73
N ALA A 23 9.54 8.70 -9.28
CA ALA A 23 8.23 9.31 -9.51
C ALA A 23 7.41 9.38 -8.22
N ALA A 24 8.07 9.17 -7.09
CA ALA A 24 7.44 9.25 -5.77
C ALA A 24 6.41 8.15 -5.57
N GLU A 25 6.51 7.09 -6.38
CA GLU A 25 5.67 5.93 -6.21
C GLU A 25 6.48 4.80 -5.61
N PHE A 26 5.90 4.12 -4.64
CA PHE A 26 6.57 3.03 -3.94
C PHE A 26 6.14 1.71 -4.54
N ARG A 27 6.95 0.68 -4.35
CA ARG A 27 6.59 -0.64 -4.80
C ARG A 27 6.70 -1.63 -3.65
N VAL A 28 5.57 -2.24 -3.34
CA VAL A 28 5.52 -3.24 -2.30
C VAL A 28 5.08 -4.55 -2.92
N LYS A 29 5.48 -5.65 -2.32
CA LYS A 29 5.14 -6.94 -2.87
C LYS A 29 4.52 -7.83 -1.81
N LEU A 30 3.52 -8.57 -2.21
CA LEU A 30 3.00 -9.65 -1.38
C LEU A 30 3.98 -10.79 -1.49
N ASP A 31 4.35 -11.36 -0.35
CA ASP A 31 5.40 -12.39 -0.31
C ASP A 31 4.99 -13.63 -1.11
N ASN A 32 3.74 -13.65 -1.57
CA ASN A 32 3.26 -14.73 -2.44
C ASN A 32 3.47 -14.34 -3.91
N GLU A 33 4.61 -13.71 -4.18
CA GLU A 33 5.06 -13.41 -5.55
C GLU A 33 4.10 -12.48 -6.31
N HIS A 34 3.56 -11.48 -5.64
CA HIS A 34 2.71 -10.51 -6.32
C HIS A 34 3.16 -9.08 -5.99
N GLU A 35 3.57 -8.34 -7.02
CA GLU A 35 4.02 -6.96 -6.83
C GLU A 35 2.89 -5.99 -7.12
N ILE A 36 2.79 -4.94 -6.31
CA ILE A 36 1.83 -3.89 -6.56
C ILE A 36 2.48 -2.51 -6.38
N ILE A 37 2.05 -1.56 -7.18
CA ILE A 37 2.57 -0.20 -7.12
C ILE A 37 1.75 0.60 -6.12
N CYS A 38 2.37 1.55 -5.45
CA CYS A 38 1.67 2.36 -4.48
C CYS A 38 2.09 3.83 -4.56
N HIS A 39 1.16 4.73 -4.33
CA HIS A 39 1.46 6.16 -4.35
C HIS A 39 0.85 6.81 -3.12
N VAL A 40 1.61 7.71 -2.51
CA VAL A 40 1.14 8.42 -1.34
C VAL A 40 0.06 9.43 -1.70
N SER A 41 -1.14 9.22 -1.17
CA SER A 41 -2.28 10.09 -1.42
C SER A 41 -3.40 9.73 -0.46
N GLY A 42 -3.08 9.77 0.82
CA GLY A 42 -4.04 9.40 1.85
C GLY A 42 -3.61 9.89 3.20
N LYS A 43 -3.93 9.12 4.25
CA LYS A 43 -3.60 9.50 5.62
C LYS A 43 -2.08 9.59 5.80
N VAL A 44 -1.34 8.89 4.95
CA VAL A 44 0.12 8.92 4.99
C VAL A 44 0.66 10.34 4.85
N ARG A 45 0.03 11.14 3.99
CA ARG A 45 0.43 12.52 3.80
C ARG A 45 -0.20 13.42 4.86
N ARG A 46 -1.40 13.06 5.27
CA ARG A 46 -2.15 13.85 6.25
C ARG A 46 -1.46 13.80 7.61
N SER A 47 -1.04 12.61 8.01
CA SER A 47 -0.40 12.42 9.32
C SER A 47 1.13 12.53 9.20
N LYS A 48 1.61 12.72 7.97
CA LYS A 48 3.03 12.87 7.69
C LYS A 48 3.82 11.65 8.19
N ILE A 49 3.53 10.50 7.60
CA ILE A 49 4.14 9.25 7.99
C ILE A 49 5.35 8.92 7.12
N ARG A 50 6.41 8.41 7.74
CA ARG A 50 7.64 8.08 7.03
C ARG A 50 7.70 6.60 6.68
N ILE A 51 7.73 6.32 5.38
CA ILE A 51 7.83 4.95 4.89
C ILE A 51 9.28 4.53 4.81
N ILE A 52 9.63 3.44 5.47
CA ILE A 52 10.99 2.92 5.43
C ILE A 52 11.03 1.58 4.74
N ILE A 53 12.14 1.31 4.06
CA ILE A 53 12.31 0.05 3.34
C ILE A 53 12.65 -1.08 4.29
N GLY A 54 12.12 -2.27 4.04
CA GLY A 54 12.37 -3.41 4.90
C GLY A 54 11.38 -3.47 6.03
N ASP A 55 10.13 -3.21 5.71
CA ASP A 55 9.05 -3.22 6.69
C ASP A 55 7.76 -3.65 6.00
N ARG A 56 6.69 -3.77 6.77
CA ARG A 56 5.39 -4.08 6.22
C ARG A 56 4.55 -2.81 6.14
N VAL A 57 3.66 -2.74 5.18
CA VAL A 57 2.78 -1.59 5.04
C VAL A 57 1.35 -2.05 4.79
N LEU A 58 0.41 -1.16 5.03
CA LEU A 58 -0.99 -1.43 4.74
C LEU A 58 -1.39 -0.62 3.51
N VAL A 59 -1.74 -1.32 2.45
CA VAL A 59 -2.10 -0.66 1.21
C VAL A 59 -3.61 -0.71 0.98
N GLU A 60 -4.19 0.45 0.74
CA GLU A 60 -5.60 0.57 0.46
C GLU A 60 -5.82 0.77 -1.03
N MET A 61 -6.34 -0.24 -1.73
CA MET A 61 -6.58 -0.11 -3.17
C MET A 61 -7.87 -0.79 -3.59
N SER A 62 -8.57 -0.18 -4.53
CA SER A 62 -9.79 -0.75 -5.08
C SER A 62 -9.48 -1.41 -6.43
N ILE A 63 -10.12 -2.54 -6.69
CA ILE A 63 -9.82 -3.34 -7.88
C ILE A 63 -10.45 -2.74 -9.14
N TYR A 64 -11.10 -1.59 -8.99
CA TYR A 64 -11.82 -0.95 -10.08
C TYR A 64 -10.90 -0.58 -11.25
N ASP A 65 -10.21 0.56 -11.14
CA ASP A 65 -9.42 1.06 -12.27
C ASP A 65 -8.19 1.85 -11.84
N ARG A 66 -8.40 3.04 -11.27
CA ARG A 66 -7.29 3.93 -10.92
C ARG A 66 -6.46 3.37 -9.78
N ASN A 67 -7.10 2.61 -8.89
CA ASN A 67 -6.40 2.02 -7.76
C ASN A 67 -6.07 0.56 -8.04
N ALA A 68 -6.27 0.15 -9.30
CA ALA A 68 -6.04 -1.23 -9.69
C ALA A 68 -4.56 -1.50 -9.91
N LYS A 69 -3.79 -0.45 -10.14
CA LYS A 69 -2.35 -0.60 -10.31
C LYS A 69 -1.60 0.03 -9.15
N LYS A 70 -2.25 0.96 -8.45
CA LYS A 70 -1.61 1.65 -7.35
C LYS A 70 -2.59 1.89 -6.20
N GLY A 71 -2.12 1.66 -4.99
CA GLY A 71 -2.95 1.84 -3.82
C GLY A 71 -2.39 2.91 -2.90
N ARG A 72 -3.03 3.08 -1.74
CA ARG A 72 -2.56 4.04 -0.76
C ARG A 72 -1.59 3.35 0.18
N ILE A 73 -0.34 3.80 0.19
CA ILE A 73 0.68 3.20 1.02
C ILE A 73 1.04 4.15 2.16
N ILE A 74 1.04 3.63 3.39
CA ILE A 74 1.43 4.44 4.54
C ILE A 74 2.42 3.68 5.44
N ARG A 75 1.95 2.60 6.08
CA ARG A 75 2.82 1.72 6.88
C ARG A 75 1.95 0.68 7.58
N ARG A 76 2.59 -0.28 8.24
CA ARG A 76 1.88 -1.29 9.01
C ARG A 76 1.62 -0.78 10.43
N LEU A 77 0.53 -1.22 11.03
CA LEU A 77 0.27 -1.01 12.44
C LEU A 77 0.81 -2.21 13.21
N LYS A 78 1.34 -2.00 14.41
CA LYS A 78 1.81 -3.12 15.22
C LYS A 78 0.64 -4.00 15.59
N GLY A 79 0.76 -5.28 15.29
CA GLY A 79 -0.39 -6.17 15.32
C GLY A 79 -0.79 -6.50 13.89
N THR A 80 0.13 -7.15 13.19
CA THR A 80 0.01 -7.33 11.75
C THR A 80 0.62 -8.67 11.35
N SER A 81 0.91 -8.82 10.06
CA SER A 81 1.55 -10.01 9.50
C SER A 81 0.53 -11.14 9.31
N ASP A 82 -0.07 -11.15 8.12
CA ASP A 82 -0.97 -12.23 7.69
C ASP A 82 -0.19 -13.53 7.44
N ARG A 83 1.06 -13.55 7.91
CA ARG A 83 2.00 -14.65 7.70
C ARG A 83 2.55 -14.61 6.27
N THR A 84 3.56 -15.42 5.98
CA THR A 84 4.20 -15.40 4.68
C THR A 84 3.29 -16.01 3.61
N ILE A 85 2.55 -17.06 4.02
CA ILE A 85 1.55 -17.75 3.18
C ILE A 85 2.05 -18.06 1.76
N SER A 86 3.35 -18.11 1.56
CA SER A 86 3.91 -18.40 0.26
C SER A 86 4.90 -19.55 0.32
N LYS A 87 5.03 -20.14 1.50
CA LYS A 87 5.92 -21.26 1.71
C LYS A 87 5.09 -22.52 1.83
N MET A 1 -19.49 16.12 0.23
CA MET A 1 -18.82 15.16 -0.68
C MET A 1 -19.77 14.74 -1.79
N VAL A 2 -19.21 14.32 -2.91
CA VAL A 2 -20.02 13.90 -4.05
C VAL A 2 -20.21 12.39 -4.06
N LYS A 3 -19.29 11.67 -3.43
CA LYS A 3 -19.39 10.23 -3.31
C LYS A 3 -19.44 9.82 -1.85
N ASP A 4 -20.64 9.70 -1.32
CA ASP A 4 -20.83 9.28 0.06
C ASP A 4 -21.66 8.00 0.11
N GLU A 5 -22.62 7.90 -0.80
CA GLU A 5 -23.43 6.70 -0.95
C GLU A 5 -22.51 5.53 -1.26
N LYS A 6 -21.73 5.70 -2.31
CA LYS A 6 -20.61 4.83 -2.60
C LYS A 6 -19.33 5.61 -2.38
N SER A 7 -18.91 5.66 -1.12
CA SER A 7 -17.77 6.46 -0.71
C SER A 7 -16.52 6.12 -1.52
N LYS A 8 -15.99 4.94 -1.27
CA LYS A 8 -14.77 4.50 -1.92
C LYS A 8 -14.85 3.01 -2.22
N THR A 9 -15.05 2.68 -3.48
CA THR A 9 -14.99 1.29 -3.91
C THR A 9 -13.55 0.93 -4.26
N LEU A 10 -12.87 0.30 -3.31
CA LEU A 10 -11.45 0.03 -3.45
C LEU A 10 -11.12 -1.36 -2.92
N PHE A 11 -9.91 -1.81 -3.20
CA PHE A 11 -9.47 -3.12 -2.75
C PHE A 11 -8.18 -2.96 -1.94
N GLU A 12 -8.17 -3.55 -0.76
CA GLU A 12 -7.01 -3.46 0.12
C GLU A 12 -6.20 -4.75 0.04
N VAL A 13 -4.98 -4.65 -0.46
CA VAL A 13 -4.11 -5.80 -0.60
C VAL A 13 -2.70 -5.48 -0.13
N GLU A 14 -1.96 -6.48 0.30
CA GLU A 14 -0.60 -6.28 0.78
C GLU A 14 0.41 -6.71 -0.27
N GLY A 15 1.60 -6.13 -0.18
CA GLY A 15 2.66 -6.44 -1.11
C GLY A 15 4.03 -6.13 -0.55
N ALA A 16 5.05 -6.17 -1.38
CA ALA A 16 6.41 -5.88 -0.92
C ALA A 16 7.03 -4.75 -1.74
N VAL A 17 7.48 -3.72 -1.04
CA VAL A 17 8.16 -2.61 -1.69
C VAL A 17 9.57 -3.02 -2.10
N THR A 18 9.87 -2.90 -3.38
CA THR A 18 11.14 -3.39 -3.91
C THR A 18 12.01 -2.24 -4.40
N ALA A 19 11.39 -1.10 -4.70
CA ALA A 19 12.11 0.04 -5.22
C ALA A 19 11.29 1.31 -5.06
N LEU A 20 11.96 2.45 -5.18
CA LEU A 20 11.27 3.73 -5.15
C LEU A 20 11.69 4.57 -6.35
N LEU A 21 10.76 5.32 -6.89
CA LEU A 21 11.04 6.17 -8.03
C LEU A 21 11.34 7.58 -7.54
N PRO A 22 12.22 8.30 -8.24
CA PRO A 22 12.56 9.69 -7.90
C PRO A 22 11.41 10.66 -8.21
N ALA A 23 10.21 10.10 -8.30
CA ALA A 23 9.02 10.87 -8.57
C ALA A 23 8.14 10.90 -7.31
N ALA A 24 8.76 10.59 -6.17
CA ALA A 24 8.08 10.59 -4.87
C ALA A 24 7.03 9.49 -4.81
N GLU A 25 7.26 8.42 -5.54
CA GLU A 25 6.35 7.28 -5.54
C GLU A 25 7.15 5.97 -5.50
N PHE A 26 6.55 4.96 -4.91
CA PHE A 26 7.22 3.68 -4.68
C PHE A 26 6.65 2.61 -5.62
N ARG A 27 7.38 1.51 -5.77
CA ARG A 27 6.86 0.41 -6.56
C ARG A 27 6.91 -0.88 -5.74
N VAL A 28 5.78 -1.59 -5.71
CA VAL A 28 5.68 -2.81 -4.92
C VAL A 28 5.22 -3.98 -5.78
N LYS A 29 5.69 -5.17 -5.46
CA LYS A 29 5.23 -6.37 -6.13
C LYS A 29 4.89 -7.44 -5.12
N LEU A 30 3.85 -8.19 -5.40
CA LEU A 30 3.50 -9.33 -4.57
C LEU A 30 4.35 -10.53 -4.98
N ASP A 31 4.50 -11.51 -4.10
CA ASP A 31 5.31 -12.69 -4.40
C ASP A 31 4.67 -13.53 -5.51
N ASN A 32 3.49 -13.09 -5.94
CA ASN A 32 2.78 -13.72 -7.04
C ASN A 32 3.33 -13.22 -8.39
N GLU A 33 4.45 -12.50 -8.32
CA GLU A 33 5.16 -12.00 -9.51
C GLU A 33 4.32 -11.00 -10.28
N HIS A 34 3.53 -10.22 -9.56
CA HIS A 34 2.76 -9.15 -10.16
C HIS A 34 3.07 -7.84 -9.47
N GLU A 35 3.56 -6.89 -10.23
CA GLU A 35 4.04 -5.63 -9.70
C GLU A 35 3.15 -4.46 -10.13
N ILE A 36 3.01 -3.50 -9.22
CA ILE A 36 2.25 -2.29 -9.49
C ILE A 36 3.01 -1.09 -8.93
N ILE A 37 2.57 0.11 -9.29
CA ILE A 37 3.21 1.32 -8.80
C ILE A 37 2.36 1.92 -7.69
N CYS A 38 2.99 2.57 -6.74
CA CYS A 38 2.26 3.13 -5.61
C CYS A 38 2.80 4.51 -5.26
N HIS A 39 2.03 5.27 -4.51
CA HIS A 39 2.44 6.60 -4.08
C HIS A 39 1.78 6.94 -2.75
N VAL A 40 2.27 7.98 -2.10
CA VAL A 40 1.70 8.41 -0.83
C VAL A 40 0.40 9.19 -1.06
N SER A 41 -0.50 9.14 -0.08
CA SER A 41 -1.72 9.91 -0.14
C SER A 41 -2.04 10.51 1.23
N GLY A 42 -3.28 11.02 1.36
CA GLY A 42 -3.73 11.76 2.55
C GLY A 42 -3.14 11.30 3.87
N LYS A 43 -3.85 10.42 4.56
CA LYS A 43 -3.46 9.98 5.91
C LYS A 43 -2.01 9.48 5.95
N VAL A 44 -1.57 8.83 4.89
CA VAL A 44 -0.22 8.27 4.82
C VAL A 44 0.84 9.35 5.08
N ARG A 45 0.71 10.47 4.38
CA ARG A 45 1.72 11.53 4.45
C ARG A 45 1.76 12.16 5.84
N ARG A 46 0.61 12.24 6.50
CA ARG A 46 0.52 12.90 7.80
C ARG A 46 0.86 11.94 8.94
N SER A 47 0.84 10.63 8.67
CA SER A 47 1.04 9.64 9.72
C SER A 47 2.50 9.57 10.16
N LYS A 48 3.41 10.00 9.28
CA LYS A 48 4.85 9.98 9.57
C LYS A 48 5.33 8.54 9.84
N ILE A 49 4.77 7.59 9.13
CA ILE A 49 5.21 6.20 9.24
C ILE A 49 6.52 6.00 8.49
N ARG A 50 7.22 4.91 8.79
CA ARG A 50 8.50 4.65 8.16
C ARG A 50 8.36 3.61 7.05
N ILE A 51 8.49 4.06 5.80
CA ILE A 51 8.48 3.16 4.66
C ILE A 51 9.90 2.75 4.31
N ILE A 52 10.23 1.49 4.52
CA ILE A 52 11.55 0.98 4.21
C ILE A 52 11.48 -0.09 3.13
N ILE A 53 12.52 -0.16 2.32
CA ILE A 53 12.55 -1.11 1.20
C ILE A 53 12.84 -2.52 1.72
N GLY A 54 12.16 -3.50 1.15
CA GLY A 54 12.39 -4.88 1.53
C GLY A 54 11.35 -5.39 2.51
N ASP A 55 10.65 -4.47 3.14
CA ASP A 55 9.65 -4.83 4.15
C ASP A 55 8.28 -4.95 3.49
N ARG A 56 7.37 -5.68 4.12
CA ARG A 56 6.03 -5.83 3.60
C ARG A 56 5.21 -4.57 3.83
N VAL A 57 4.41 -4.21 2.85
CA VAL A 57 3.63 -2.99 2.91
C VAL A 57 2.19 -3.25 2.48
N LEU A 58 1.30 -2.35 2.87
CA LEU A 58 -0.10 -2.44 2.50
C LEU A 58 -0.41 -1.38 1.45
N VAL A 59 -0.99 -1.82 0.33
CA VAL A 59 -1.39 -0.89 -0.70
C VAL A 59 -2.91 -0.80 -0.76
N GLU A 60 -3.40 0.42 -0.73
CA GLU A 60 -4.83 0.68 -0.70
C GLU A 60 -5.22 1.45 -1.96
N MET A 61 -5.93 0.81 -2.87
CA MET A 61 -6.25 1.44 -4.14
C MET A 61 -7.61 1.00 -4.69
N SER A 62 -8.19 1.83 -5.53
CA SER A 62 -9.46 1.54 -6.17
C SER A 62 -9.24 0.89 -7.53
N ILE A 63 -10.10 -0.06 -7.87
CA ILE A 63 -9.94 -0.86 -9.08
C ILE A 63 -10.39 -0.10 -10.34
N TYR A 64 -10.78 1.16 -10.18
CA TYR A 64 -11.31 1.96 -11.29
C TYR A 64 -10.33 2.06 -12.46
N ASP A 65 -9.40 3.03 -12.40
CA ASP A 65 -8.44 3.21 -13.48
C ASP A 65 -7.10 3.74 -12.96
N ARG A 66 -7.08 5.00 -12.51
CA ARG A 66 -5.82 5.63 -12.11
C ARG A 66 -5.25 4.98 -10.85
N ASN A 67 -6.13 4.54 -9.96
CA ASN A 67 -5.69 3.88 -8.74
C ASN A 67 -5.41 2.40 -9.00
N ALA A 68 -5.79 1.93 -10.17
CA ALA A 68 -5.51 0.56 -10.57
C ALA A 68 -4.08 0.46 -11.09
N LYS A 69 -3.46 1.63 -11.26
CA LYS A 69 -2.07 1.71 -11.69
C LYS A 69 -1.20 2.15 -10.52
N LYS A 70 -1.63 3.21 -9.85
CA LYS A 70 -0.95 3.66 -8.63
C LYS A 70 -1.93 3.74 -7.46
N GLY A 71 -1.55 3.14 -6.34
CA GLY A 71 -2.37 3.23 -5.14
C GLY A 71 -1.62 3.91 -4.02
N ARG A 72 -2.24 4.01 -2.85
CA ARG A 72 -1.57 4.58 -1.69
C ARG A 72 -0.92 3.48 -0.87
N ILE A 73 0.38 3.62 -0.64
CA ILE A 73 1.16 2.62 0.08
C ILE A 73 1.63 3.20 1.41
N ILE A 74 1.54 2.42 2.47
CA ILE A 74 2.03 2.87 3.77
C ILE A 74 3.04 1.90 4.37
N ARG A 75 2.57 0.73 4.82
CA ARG A 75 3.44 -0.34 5.32
C ARG A 75 2.58 -1.45 5.94
N ARG A 76 3.22 -2.56 6.29
CA ARG A 76 2.59 -3.55 7.15
C ARG A 76 2.56 -3.00 8.58
N LEU A 77 1.54 -3.37 9.35
CA LEU A 77 1.43 -2.91 10.73
C LEU A 77 2.55 -3.47 11.59
N LYS A 78 2.61 -3.03 12.83
CA LYS A 78 3.68 -3.42 13.74
C LYS A 78 3.48 -4.84 14.22
N GLY A 79 4.37 -5.72 13.80
CA GLY A 79 4.28 -7.11 14.20
C GLY A 79 3.45 -7.93 13.24
N THR A 80 3.12 -9.16 13.64
CA THR A 80 2.32 -10.09 12.83
C THR A 80 2.89 -10.26 11.42
N SER A 81 4.19 -10.06 11.27
CA SER A 81 4.85 -10.14 9.97
C SER A 81 4.87 -11.57 9.45
N ASP A 82 4.89 -12.53 10.36
CA ASP A 82 4.80 -13.93 10.01
C ASP A 82 3.35 -14.30 9.77
N ARG A 83 2.53 -13.99 10.76
CA ARG A 83 1.11 -14.30 10.74
C ARG A 83 0.47 -13.74 12.01
N THR A 84 0.93 -14.24 13.14
CA THR A 84 0.42 -13.80 14.43
C THR A 84 1.56 -13.24 15.28
N ILE A 85 2.29 -14.12 15.98
CA ILE A 85 3.44 -13.77 16.83
C ILE A 85 3.16 -12.54 17.71
N SER A 86 1.89 -12.32 18.04
CA SER A 86 1.49 -11.20 18.87
C SER A 86 1.42 -11.62 20.33
N LYS A 87 1.85 -12.84 20.60
CA LYS A 87 1.89 -13.36 21.96
C LYS A 87 3.32 -13.30 22.47
N MET A 1 -4.18 13.49 -4.02
CA MET A 1 -5.50 13.55 -4.70
C MET A 1 -6.41 12.46 -4.15
N VAL A 2 -7.56 12.87 -3.62
CA VAL A 2 -8.50 11.94 -3.01
C VAL A 2 -9.32 11.21 -4.08
N LYS A 3 -9.00 9.93 -4.27
CA LYS A 3 -9.74 9.07 -5.17
C LYS A 3 -9.92 7.69 -4.57
N ASP A 4 -10.90 7.58 -3.69
CA ASP A 4 -11.21 6.33 -3.00
C ASP A 4 -12.52 6.46 -2.23
N GLU A 5 -12.92 7.71 -1.97
CA GLU A 5 -14.17 8.00 -1.25
C GLU A 5 -15.37 7.31 -1.91
N LYS A 6 -15.41 7.31 -3.24
CA LYS A 6 -16.51 6.70 -3.97
C LYS A 6 -16.10 5.39 -4.61
N SER A 7 -15.09 4.76 -4.04
CA SER A 7 -14.62 3.47 -4.50
C SER A 7 -14.16 2.63 -3.30
N LYS A 8 -14.95 2.65 -2.24
CA LYS A 8 -14.61 1.95 -1.01
C LYS A 8 -14.90 0.45 -1.14
N THR A 9 -15.36 0.05 -2.30
CA THR A 9 -15.45 -1.35 -2.65
C THR A 9 -14.13 -1.78 -3.28
N LEU A 10 -13.20 -2.18 -2.42
CA LEU A 10 -11.85 -2.50 -2.87
C LEU A 10 -11.24 -3.63 -2.02
N PHE A 11 -9.99 -3.97 -2.31
CA PHE A 11 -9.35 -5.07 -1.63
C PHE A 11 -8.03 -4.62 -1.01
N GLU A 12 -7.69 -5.19 0.13
CA GLU A 12 -6.47 -4.84 0.83
C GLU A 12 -5.45 -5.96 0.71
N VAL A 13 -4.34 -5.68 0.04
CA VAL A 13 -3.35 -6.70 -0.27
C VAL A 13 -2.06 -6.48 0.51
N GLU A 14 -1.44 -7.58 0.92
CA GLU A 14 -0.21 -7.54 1.68
C GLU A 14 0.97 -7.67 0.73
N GLY A 15 1.86 -6.69 0.73
CA GLY A 15 3.00 -6.72 -0.16
C GLY A 15 4.10 -5.78 0.28
N ALA A 16 5.34 -6.23 0.16
CA ALA A 16 6.48 -5.41 0.54
C ALA A 16 6.90 -4.50 -0.60
N VAL A 17 7.49 -3.36 -0.26
CA VAL A 17 7.99 -2.42 -1.27
C VAL A 17 9.17 -3.04 -2.02
N THR A 18 9.25 -2.77 -3.32
CA THR A 18 10.34 -3.28 -4.13
C THR A 18 11.25 -2.14 -4.59
N ALA A 19 10.65 -0.98 -4.84
CA ALA A 19 11.39 0.17 -5.32
C ALA A 19 10.58 1.45 -5.08
N LEU A 20 11.21 2.59 -5.26
CA LEU A 20 10.53 3.86 -5.09
C LEU A 20 11.10 4.92 -6.03
N LEU A 21 10.28 5.90 -6.33
CA LEU A 21 10.72 7.05 -7.12
C LEU A 21 10.56 8.30 -6.27
N PRO A 22 11.62 9.13 -6.17
CA PRO A 22 11.59 10.37 -5.39
C PRO A 22 10.61 11.43 -5.92
N ALA A 23 9.63 10.96 -6.67
CA ALA A 23 8.56 11.79 -7.18
C ALA A 23 7.29 11.52 -6.38
N ALA A 24 7.48 11.05 -5.14
CA ALA A 24 6.39 10.67 -4.23
C ALA A 24 5.73 9.37 -4.70
N GLU A 25 6.51 8.54 -5.38
CA GLU A 25 6.02 7.28 -5.90
C GLU A 25 6.65 6.11 -5.14
N PHE A 26 5.84 5.12 -4.79
CA PHE A 26 6.33 3.94 -4.09
C PHE A 26 5.81 2.69 -4.77
N ARG A 27 6.69 1.79 -5.14
CA ARG A 27 6.32 0.59 -5.87
C ARG A 27 6.46 -0.64 -4.99
N VAL A 28 5.34 -1.28 -4.71
CA VAL A 28 5.34 -2.51 -3.93
C VAL A 28 5.07 -3.70 -4.85
N LYS A 29 5.49 -4.88 -4.44
CA LYS A 29 5.27 -6.06 -5.27
C LYS A 29 4.50 -7.12 -4.52
N LEU A 30 3.48 -7.64 -5.15
CA LEU A 30 2.77 -8.81 -4.64
C LEU A 30 3.64 -10.03 -4.90
N ASP A 31 3.61 -10.98 -3.98
CA ASP A 31 4.46 -12.17 -4.09
C ASP A 31 4.17 -12.94 -5.37
N ASN A 32 3.00 -12.71 -5.95
CA ASN A 32 2.59 -13.37 -7.19
C ASN A 32 3.10 -12.59 -8.41
N GLU A 33 4.25 -11.92 -8.26
CA GLU A 33 4.95 -11.33 -9.41
C GLU A 33 4.15 -10.15 -10.00
N HIS A 34 3.52 -9.36 -9.15
CA HIS A 34 2.77 -8.21 -9.62
C HIS A 34 3.17 -6.96 -8.86
N GLU A 35 3.70 -5.97 -9.58
CA GLU A 35 4.19 -4.76 -8.97
C GLU A 35 3.23 -3.60 -9.24
N ILE A 36 2.88 -2.86 -8.19
CA ILE A 36 1.87 -1.81 -8.31
C ILE A 36 2.44 -0.45 -7.94
N ILE A 37 2.12 0.56 -8.73
CA ILE A 37 2.54 1.93 -8.46
C ILE A 37 1.65 2.56 -7.40
N CYS A 38 2.22 2.76 -6.22
CA CYS A 38 1.47 3.29 -5.11
C CYS A 38 2.01 4.67 -4.71
N HIS A 39 1.27 5.37 -3.87
CA HIS A 39 1.66 6.69 -3.42
C HIS A 39 1.01 7.00 -2.09
N VAL A 40 1.38 8.11 -1.49
CA VAL A 40 0.80 8.53 -0.23
C VAL A 40 -0.49 9.31 -0.48
N SER A 41 -1.60 8.79 0.05
CA SER A 41 -2.89 9.44 -0.08
C SER A 41 -3.89 8.80 0.89
N GLY A 42 -3.58 8.87 2.17
CA GLY A 42 -4.45 8.31 3.17
C GLY A 42 -4.11 8.82 4.55
N LYS A 43 -4.16 7.94 5.54
CA LYS A 43 -3.86 8.30 6.92
C LYS A 43 -2.39 8.74 7.03
N VAL A 44 -1.54 8.17 6.18
CA VAL A 44 -0.12 8.52 6.14
C VAL A 44 0.08 10.01 5.89
N ARG A 45 -0.85 10.63 5.17
CA ARG A 45 -0.75 12.03 4.80
C ARG A 45 -0.91 12.93 6.03
N ARG A 46 -1.95 12.68 6.82
CA ARG A 46 -2.25 13.51 7.99
C ARG A 46 -1.53 13.04 9.25
N SER A 47 -1.12 11.78 9.29
CA SER A 47 -0.42 11.26 10.45
C SER A 47 1.09 11.38 10.28
N LYS A 48 1.52 11.65 9.05
CA LYS A 48 2.94 11.82 8.72
C LYS A 48 3.75 10.57 9.07
N ILE A 49 3.76 9.60 8.18
CA ILE A 49 4.46 8.36 8.41
C ILE A 49 5.62 8.21 7.42
N ARG A 50 6.74 7.68 7.89
CA ARG A 50 7.90 7.50 7.04
C ARG A 50 7.90 6.12 6.40
N ILE A 51 7.84 6.10 5.08
CA ILE A 51 7.91 4.85 4.32
C ILE A 51 9.36 4.41 4.18
N ILE A 52 9.68 3.22 4.65
CA ILE A 52 11.04 2.72 4.54
C ILE A 52 11.12 1.53 3.58
N ILE A 53 12.23 1.43 2.88
CA ILE A 53 12.45 0.33 1.95
C ILE A 53 12.88 -0.93 2.68
N GLY A 54 12.20 -2.03 2.40
CA GLY A 54 12.53 -3.29 3.03
C GLY A 54 11.48 -3.71 4.05
N ASP A 55 10.36 -3.02 4.04
CA ASP A 55 9.27 -3.32 4.95
C ASP A 55 8.07 -3.87 4.17
N ARG A 56 7.41 -4.87 4.75
CA ARG A 56 6.23 -5.46 4.13
C ARG A 56 5.00 -4.67 4.54
N VAL A 57 4.34 -4.05 3.58
CA VAL A 57 3.27 -3.12 3.90
C VAL A 57 1.93 -3.60 3.37
N LEU A 58 0.91 -2.81 3.58
CA LEU A 58 -0.43 -3.12 3.12
C LEU A 58 -0.85 -2.14 2.03
N VAL A 59 -1.18 -2.65 0.86
CA VAL A 59 -1.62 -1.82 -0.25
C VAL A 59 -3.13 -1.88 -0.40
N GLU A 60 -3.75 -0.72 -0.45
CA GLU A 60 -5.20 -0.64 -0.52
C GLU A 60 -5.64 -0.06 -1.87
N MET A 61 -6.23 -0.91 -2.70
CA MET A 61 -6.71 -0.49 -4.01
C MET A 61 -7.88 -1.36 -4.45
N SER A 62 -8.62 -0.92 -5.45
CA SER A 62 -9.76 -1.67 -5.94
C SER A 62 -9.40 -2.47 -7.18
N ILE A 63 -10.21 -3.47 -7.49
CA ILE A 63 -9.99 -4.30 -8.66
C ILE A 63 -10.49 -3.62 -9.96
N TYR A 64 -11.17 -2.48 -9.80
CA TYR A 64 -11.90 -1.87 -10.92
C TYR A 64 -10.99 -1.28 -12.01
N ASP A 65 -10.67 0.01 -11.91
CA ASP A 65 -9.94 0.66 -13.01
C ASP A 65 -8.98 1.75 -12.52
N ARG A 66 -9.50 2.88 -12.05
CA ARG A 66 -8.65 4.00 -11.68
C ARG A 66 -8.05 3.78 -10.31
N ASN A 67 -8.74 3.01 -9.48
CA ASN A 67 -8.27 2.69 -8.16
C ASN A 67 -7.61 1.31 -8.18
N ALA A 68 -7.29 0.85 -9.38
CA ALA A 68 -6.71 -0.49 -9.55
C ALA A 68 -5.20 -0.44 -9.74
N LYS A 69 -4.74 0.41 -10.65
CA LYS A 69 -3.32 0.50 -10.95
C LYS A 69 -2.65 1.61 -10.14
N LYS A 70 -3.27 1.97 -9.04
CA LYS A 70 -2.68 2.89 -8.07
C LYS A 70 -3.18 2.50 -6.69
N GLY A 71 -2.31 2.61 -5.70
CA GLY A 71 -2.70 2.26 -4.35
C GLY A 71 -2.19 3.25 -3.33
N ARG A 72 -2.76 3.21 -2.14
CA ARG A 72 -2.27 4.02 -1.03
C ARG A 72 -1.34 3.21 -0.15
N ILE A 73 -0.11 3.69 -0.03
CA ILE A 73 0.89 3.01 0.78
C ILE A 73 1.26 3.89 1.97
N ILE A 74 1.38 3.29 3.14
CA ILE A 74 1.78 4.01 4.34
C ILE A 74 2.93 3.29 5.05
N ARG A 75 2.67 2.10 5.57
CA ARG A 75 3.68 1.28 6.23
C ARG A 75 3.00 0.05 6.79
N ARG A 76 3.77 -0.90 7.31
CA ARG A 76 3.19 -2.05 7.99
C ARG A 76 2.58 -1.62 9.31
N LEU A 77 1.36 -2.04 9.56
CA LEU A 77 0.70 -1.77 10.83
C LEU A 77 1.41 -2.51 11.95
N LYS A 78 1.53 -1.86 13.08
CA LYS A 78 2.18 -2.48 14.23
C LYS A 78 1.15 -3.25 15.04
N GLY A 79 1.27 -4.56 15.00
CA GLY A 79 0.29 -5.41 15.66
C GLY A 79 -0.39 -6.34 14.67
N THR A 80 0.00 -7.60 14.68
CA THR A 80 -0.56 -8.58 13.78
C THR A 80 -1.36 -9.62 14.57
N SER A 81 -2.61 -9.79 14.19
CA SER A 81 -3.48 -10.76 14.85
C SER A 81 -4.45 -11.37 13.85
N ASP A 82 -3.93 -11.80 12.71
CA ASP A 82 -4.72 -12.50 11.70
C ASP A 82 -5.49 -13.66 12.33
N ARG A 83 -4.74 -14.58 12.91
CA ARG A 83 -5.32 -15.70 13.64
C ARG A 83 -4.36 -16.12 14.75
N THR A 84 -3.29 -16.79 14.35
CA THR A 84 -2.22 -17.15 15.27
C THR A 84 -0.98 -17.58 14.48
N ILE A 85 -0.08 -16.64 14.27
CA ILE A 85 1.14 -16.88 13.51
C ILE A 85 2.35 -16.33 14.23
N SER A 86 3.36 -17.16 14.39
CA SER A 86 4.60 -16.75 15.02
C SER A 86 5.71 -16.66 13.97
N LYS A 87 5.34 -16.95 12.73
CA LYS A 87 6.25 -16.88 11.60
C LYS A 87 5.45 -16.75 10.31
N MET A 1 -21.77 0.30 -3.15
CA MET A 1 -23.06 -0.23 -2.65
C MET A 1 -23.61 0.65 -1.54
N VAL A 2 -23.00 0.58 -0.36
CA VAL A 2 -23.43 1.40 0.77
C VAL A 2 -22.56 2.63 0.93
N LYS A 3 -21.24 2.44 0.82
CA LYS A 3 -20.30 3.55 0.87
C LYS A 3 -19.32 3.45 -0.30
N ASP A 4 -19.64 4.14 -1.37
CA ASP A 4 -18.81 4.16 -2.57
C ASP A 4 -17.87 5.35 -2.52
N GLU A 5 -18.42 6.48 -2.07
CA GLU A 5 -17.66 7.72 -1.90
C GLU A 5 -16.53 7.48 -0.92
N LYS A 6 -16.90 7.07 0.29
CA LYS A 6 -15.95 6.77 1.34
C LYS A 6 -15.48 5.33 1.15
N SER A 7 -14.37 5.17 0.47
CA SER A 7 -13.91 3.87 0.03
C SER A 7 -13.42 3.01 1.19
N LYS A 8 -14.29 2.14 1.69
CA LYS A 8 -13.88 1.10 2.63
C LYS A 8 -13.52 -0.15 1.86
N THR A 9 -14.03 -0.26 0.65
CA THR A 9 -13.75 -1.37 -0.22
C THR A 9 -12.46 -1.15 -1.00
N LEU A 10 -11.35 -1.19 -0.28
CA LEU A 10 -10.03 -1.07 -0.88
C LEU A 10 -9.16 -2.23 -0.44
N PHE A 11 -8.10 -2.50 -1.16
CA PHE A 11 -7.24 -3.62 -0.85
C PHE A 11 -6.11 -3.16 0.05
N GLU A 12 -5.99 -3.80 1.21
CA GLU A 12 -5.01 -3.41 2.21
C GLU A 12 -4.20 -4.63 2.62
N VAL A 13 -2.96 -4.69 2.15
CA VAL A 13 -2.12 -5.86 2.39
C VAL A 13 -0.66 -5.46 2.60
N GLU A 14 0.14 -6.44 3.03
CA GLU A 14 1.56 -6.22 3.26
C GLU A 14 2.37 -6.58 2.02
N GLY A 15 3.35 -5.76 1.71
CA GLY A 15 4.18 -6.00 0.55
C GLY A 15 5.64 -5.68 0.82
N ALA A 16 6.46 -5.78 -0.20
CA ALA A 16 7.86 -5.48 -0.08
C ALA A 16 8.27 -4.39 -1.06
N VAL A 17 8.84 -3.32 -0.53
CA VAL A 17 9.35 -2.25 -1.38
C VAL A 17 10.64 -2.71 -2.07
N THR A 18 10.64 -2.64 -3.39
CA THR A 18 11.77 -3.14 -4.16
C THR A 18 12.67 -1.99 -4.60
N ALA A 19 12.07 -0.83 -4.87
CA ALA A 19 12.82 0.32 -5.35
C ALA A 19 12.01 1.60 -5.23
N LEU A 20 12.68 2.73 -5.41
CA LEU A 20 12.03 4.02 -5.44
C LEU A 20 12.56 4.83 -6.62
N LEU A 21 11.76 5.77 -7.09
CA LEU A 21 12.13 6.60 -8.22
C LEU A 21 12.16 8.08 -7.82
N PRO A 22 13.11 8.84 -8.37
CA PRO A 22 13.27 10.28 -8.06
C PRO A 22 12.13 11.13 -8.62
N ALA A 23 10.92 10.84 -8.20
CA ALA A 23 9.73 11.56 -8.62
C ALA A 23 8.65 11.45 -7.56
N ALA A 24 9.10 11.23 -6.31
CA ALA A 24 8.20 10.95 -5.19
C ALA A 24 7.40 9.70 -5.47
N GLU A 25 8.00 8.79 -6.22
CA GLU A 25 7.34 7.59 -6.67
C GLU A 25 8.05 6.36 -6.10
N PHE A 26 7.27 5.41 -5.63
CA PHE A 26 7.82 4.18 -5.08
C PHE A 26 7.24 2.99 -5.83
N ARG A 27 7.93 1.86 -5.77
CA ARG A 27 7.40 0.64 -6.34
C ARG A 27 7.57 -0.51 -5.37
N VAL A 28 6.45 -1.05 -4.94
CA VAL A 28 6.43 -2.17 -4.02
C VAL A 28 5.78 -3.35 -4.69
N LYS A 29 6.11 -4.54 -4.23
CA LYS A 29 5.54 -5.74 -4.80
C LYS A 29 4.88 -6.59 -3.72
N LEU A 30 3.74 -7.18 -4.07
CA LEU A 30 3.13 -8.18 -3.23
C LEU A 30 4.04 -9.40 -3.23
N ASP A 31 4.06 -10.15 -2.12
CA ASP A 31 4.97 -11.28 -1.99
C ASP A 31 4.70 -12.34 -3.05
N ASN A 32 3.52 -12.26 -3.67
CA ASN A 32 3.14 -13.19 -4.73
C ASN A 32 3.69 -12.71 -6.08
N GLU A 33 4.69 -11.84 -6.01
CA GLU A 33 5.45 -11.38 -7.19
C GLU A 33 4.62 -10.50 -8.13
N HIS A 34 3.98 -9.49 -7.57
CA HIS A 34 3.30 -8.48 -8.38
C HIS A 34 3.73 -7.08 -7.93
N GLU A 35 4.36 -6.33 -8.83
CA GLU A 35 4.86 -4.99 -8.50
C GLU A 35 3.88 -3.92 -8.96
N ILE A 36 3.62 -2.95 -8.09
CA ILE A 36 2.70 -1.85 -8.41
C ILE A 36 3.33 -0.50 -8.13
N ILE A 37 2.66 0.56 -8.58
CA ILE A 37 3.14 1.92 -8.38
C ILE A 37 2.63 2.49 -7.07
N CYS A 38 3.49 3.22 -6.37
CA CYS A 38 3.12 3.83 -5.11
C CYS A 38 3.41 5.33 -5.11
N HIS A 39 2.53 6.09 -4.49
CA HIS A 39 2.70 7.53 -4.30
C HIS A 39 2.14 7.94 -2.95
N VAL A 40 2.56 9.09 -2.45
CA VAL A 40 2.06 9.59 -1.18
C VAL A 40 0.62 10.08 -1.33
N SER A 41 -0.23 9.63 -0.43
CA SER A 41 -1.63 10.01 -0.48
C SER A 41 -1.98 10.89 0.72
N GLY A 42 -3.26 11.24 0.83
CA GLY A 42 -3.78 12.11 1.88
C GLY A 42 -3.03 12.05 3.20
N LYS A 43 -3.50 11.19 4.10
CA LYS A 43 -2.93 11.07 5.44
C LYS A 43 -1.40 10.94 5.41
N VAL A 44 -0.88 10.11 4.52
CA VAL A 44 0.56 9.86 4.44
C VAL A 44 1.34 11.16 4.21
N ARG A 45 0.81 12.02 3.34
CA ARG A 45 1.48 13.25 2.96
C ARG A 45 1.68 14.16 4.17
N ARG A 46 0.64 14.33 4.98
CA ARG A 46 0.71 15.26 6.11
C ARG A 46 1.28 14.59 7.34
N SER A 47 1.29 13.26 7.37
CA SER A 47 1.77 12.52 8.53
C SER A 47 3.30 12.35 8.48
N LYS A 48 3.86 12.44 7.27
CA LYS A 48 5.30 12.32 7.06
C LYS A 48 5.80 10.94 7.52
N ILE A 49 5.74 9.98 6.63
CA ILE A 49 6.17 8.61 6.95
C ILE A 49 7.48 8.29 6.26
N ARG A 50 8.35 7.57 6.96
CA ARG A 50 9.64 7.18 6.40
C ARG A 50 9.54 5.84 5.68
N ILE A 51 9.58 5.88 4.36
CA ILE A 51 9.53 4.67 3.56
C ILE A 51 10.96 4.29 3.13
N ILE A 52 11.43 3.16 3.64
CA ILE A 52 12.79 2.71 3.33
C ILE A 52 12.75 1.46 2.45
N ILE A 53 13.78 1.29 1.63
CA ILE A 53 13.86 0.15 0.73
C ILE A 53 14.29 -1.11 1.49
N GLY A 54 13.65 -2.22 1.20
CA GLY A 54 14.03 -3.49 1.80
C GLY A 54 13.32 -3.75 3.11
N ASP A 55 12.23 -3.04 3.34
CA ASP A 55 11.46 -3.23 4.57
C ASP A 55 10.02 -3.61 4.22
N ARG A 56 9.34 -4.24 5.16
CA ARG A 56 7.95 -4.63 4.95
C ARG A 56 7.04 -3.42 5.05
N VAL A 57 6.17 -3.27 4.06
CA VAL A 57 5.31 -2.09 3.99
C VAL A 57 3.86 -2.49 3.73
N LEU A 58 2.94 -1.63 4.15
CA LEU A 58 1.52 -1.89 4.00
C LEU A 58 0.96 -1.02 2.88
N VAL A 59 0.36 -1.67 1.89
CA VAL A 59 -0.16 -0.96 0.73
C VAL A 59 -1.67 -0.86 0.79
N GLU A 60 -2.17 0.35 0.56
CA GLU A 60 -3.59 0.60 0.52
C GLU A 60 -3.95 1.17 -0.86
N MET A 61 -4.67 0.38 -1.65
CA MET A 61 -5.03 0.80 -3.01
C MET A 61 -6.52 0.57 -3.27
N SER A 62 -7.05 1.27 -4.26
CA SER A 62 -8.48 1.23 -4.55
C SER A 62 -8.78 0.28 -5.71
N ILE A 63 -9.82 -0.52 -5.56
CA ILE A 63 -10.19 -1.52 -6.56
C ILE A 63 -10.90 -0.86 -7.77
N TYR A 64 -11.00 0.47 -7.74
CA TYR A 64 -11.76 1.18 -8.75
C TYR A 64 -11.05 1.24 -10.11
N ASP A 65 -10.29 2.31 -10.35
CA ASP A 65 -9.71 2.54 -11.68
C ASP A 65 -8.27 3.06 -11.61
N ARG A 66 -8.12 4.30 -11.16
CA ARG A 66 -6.82 4.94 -11.13
C ARG A 66 -5.91 4.33 -10.07
N ASN A 67 -6.48 4.04 -8.91
CA ASN A 67 -5.71 3.45 -7.82
C ASN A 67 -5.75 1.94 -7.89
N ALA A 68 -6.17 1.42 -9.04
CA ALA A 68 -6.26 -0.02 -9.23
C ALA A 68 -4.89 -0.61 -9.52
N LYS A 69 -3.98 0.24 -9.97
CA LYS A 69 -2.61 -0.16 -10.23
C LYS A 69 -1.63 0.81 -9.58
N LYS A 70 -2.15 1.57 -8.62
CA LYS A 70 -1.35 2.51 -7.86
C LYS A 70 -1.91 2.61 -6.44
N GLY A 71 -1.03 2.56 -5.46
CA GLY A 71 -1.47 2.60 -4.08
C GLY A 71 -0.62 3.49 -3.23
N ARG A 72 -0.94 3.57 -1.95
CA ARG A 72 -0.16 4.33 -1.00
C ARG A 72 0.52 3.39 -0.03
N ILE A 73 1.76 3.69 0.30
CA ILE A 73 2.54 2.89 1.23
C ILE A 73 2.84 3.69 2.49
N ILE A 74 2.65 3.07 3.65
CA ILE A 74 3.09 3.67 4.89
C ILE A 74 4.23 2.85 5.49
N ARG A 75 3.91 1.65 5.98
CA ARG A 75 4.89 0.69 6.45
C ARG A 75 4.16 -0.48 7.10
N ARG A 76 4.88 -1.53 7.45
CA ARG A 76 4.30 -2.64 8.19
C ARG A 76 3.98 -2.17 9.61
N LEU A 77 2.73 -2.32 10.02
CA LEU A 77 2.32 -1.87 11.35
C LEU A 77 3.05 -2.63 12.44
N LYS A 78 3.33 -1.95 13.54
CA LYS A 78 4.03 -2.59 14.64
C LYS A 78 3.04 -3.36 15.50
N GLY A 79 3.18 -4.68 15.49
CA GLY A 79 2.23 -5.52 16.17
C GLY A 79 1.27 -6.16 15.20
N THR A 80 1.51 -7.41 14.86
CA THR A 80 0.71 -8.10 13.87
C THR A 80 -0.63 -8.54 14.43
N SER A 81 -1.51 -7.58 14.64
CA SER A 81 -2.85 -7.85 15.13
C SER A 81 -3.87 -7.75 14.00
N ASP A 82 -4.00 -8.82 13.25
CA ASP A 82 -4.95 -8.88 12.14
C ASP A 82 -6.27 -9.45 12.61
N ARG A 83 -6.28 -10.76 12.83
CA ARG A 83 -7.42 -11.49 13.39
C ARG A 83 -7.25 -12.99 13.17
N THR A 84 -6.60 -13.36 12.07
CA THR A 84 -6.48 -14.77 11.74
C THR A 84 -5.16 -15.13 11.04
N ILE A 85 -4.60 -14.21 10.23
CA ILE A 85 -3.49 -14.53 9.32
C ILE A 85 -2.37 -15.34 9.96
N SER A 86 -2.47 -16.66 9.81
CA SER A 86 -1.46 -17.59 10.28
C SER A 86 -1.55 -18.90 9.52
N LYS A 87 -2.41 -18.92 8.50
CA LYS A 87 -2.62 -20.08 7.67
C LYS A 87 -3.47 -19.70 6.46
N MET A 1 -10.94 13.59 -0.92
CA MET A 1 -11.13 14.12 -2.29
C MET A 1 -11.92 13.12 -3.13
N VAL A 2 -11.88 13.29 -4.44
CA VAL A 2 -12.57 12.37 -5.33
C VAL A 2 -11.90 11.01 -5.29
N LYS A 3 -10.56 11.01 -5.27
CA LYS A 3 -9.81 9.77 -5.17
C LYS A 3 -9.74 9.37 -3.70
N ASP A 4 -10.92 9.08 -3.14
CA ASP A 4 -11.10 8.71 -1.74
C ASP A 4 -12.53 8.23 -1.59
N GLU A 5 -13.45 9.14 -1.90
CA GLU A 5 -14.89 8.88 -1.86
C GLU A 5 -15.28 7.72 -2.77
N LYS A 6 -14.95 7.84 -4.04
CA LYS A 6 -15.35 6.85 -5.03
C LYS A 6 -14.33 5.73 -5.12
N SER A 7 -13.65 5.49 -4.00
CA SER A 7 -12.68 4.41 -3.90
C SER A 7 -12.78 3.74 -2.53
N LYS A 8 -13.95 3.87 -1.89
CA LYS A 8 -14.18 3.27 -0.58
C LYS A 8 -14.32 1.75 -0.71
N THR A 9 -14.96 1.31 -1.78
CA THR A 9 -15.08 -0.11 -2.06
C THR A 9 -13.98 -0.54 -3.04
N LEU A 10 -12.95 -1.16 -2.52
CA LEU A 10 -11.81 -1.57 -3.32
C LEU A 10 -11.16 -2.81 -2.73
N PHE A 11 -10.08 -3.29 -3.35
CA PHE A 11 -9.43 -4.49 -2.86
C PHE A 11 -8.22 -4.10 -2.01
N GLU A 12 -8.19 -4.61 -0.79
CA GLU A 12 -7.16 -4.26 0.16
C GLU A 12 -6.28 -5.46 0.45
N VAL A 13 -5.02 -5.38 0.04
CA VAL A 13 -4.09 -6.47 0.25
C VAL A 13 -2.90 -6.03 1.11
N GLU A 14 -2.26 -6.98 1.74
CA GLU A 14 -1.10 -6.70 2.56
C GLU A 14 0.15 -7.29 1.93
N GLY A 15 1.08 -6.43 1.56
CA GLY A 15 2.27 -6.88 0.87
C GLY A 15 3.52 -6.23 1.40
N ALA A 16 4.63 -6.41 0.72
CA ALA A 16 5.90 -5.84 1.16
C ALA A 16 6.50 -4.97 0.08
N VAL A 17 7.14 -3.90 0.49
CA VAL A 17 7.82 -3.01 -0.46
C VAL A 17 9.08 -3.69 -0.99
N THR A 18 9.34 -3.52 -2.28
CA THR A 18 10.50 -4.11 -2.91
C THR A 18 11.59 -3.05 -3.12
N ALA A 19 11.17 -1.90 -3.63
CA ALA A 19 12.09 -0.80 -3.93
C ALA A 19 11.29 0.49 -4.09
N LEU A 20 12.00 1.62 -4.14
CA LEU A 20 11.35 2.90 -4.30
C LEU A 20 11.97 3.66 -5.46
N LEU A 21 11.19 4.57 -6.03
CA LEU A 21 11.64 5.39 -7.15
C LEU A 21 11.85 6.82 -6.68
N PRO A 22 12.80 7.54 -7.29
CA PRO A 22 13.17 8.91 -6.88
C PRO A 22 12.08 9.95 -7.18
N ALA A 23 10.89 9.48 -7.50
CA ALA A 23 9.77 10.36 -7.78
C ALA A 23 8.78 10.36 -6.62
N ALA A 24 9.30 10.01 -5.43
CA ALA A 24 8.47 9.86 -4.22
C ALA A 24 7.44 8.76 -4.45
N GLU A 25 7.85 7.77 -5.22
CA GLU A 25 6.98 6.71 -5.67
C GLU A 25 7.55 5.36 -5.20
N PHE A 26 6.68 4.44 -4.84
CA PHE A 26 7.13 3.17 -4.30
C PHE A 26 6.66 2.01 -5.17
N ARG A 27 7.29 0.86 -4.99
CA ARG A 27 6.88 -0.36 -5.67
C ARG A 27 6.85 -1.52 -4.68
N VAL A 28 5.67 -2.05 -4.46
CA VAL A 28 5.49 -3.13 -3.50
C VAL A 28 4.88 -4.35 -4.16
N LYS A 29 5.11 -5.51 -3.56
CA LYS A 29 4.54 -6.75 -4.08
C LYS A 29 3.75 -7.46 -3.00
N LEU A 30 2.62 -8.04 -3.41
CA LEU A 30 1.88 -8.95 -2.54
C LEU A 30 2.77 -10.16 -2.23
N ASP A 31 2.48 -10.89 -1.17
CA ASP A 31 3.33 -12.03 -0.79
C ASP A 31 3.27 -13.16 -1.81
N ASN A 32 2.34 -13.06 -2.76
CA ASN A 32 2.27 -13.99 -3.87
C ASN A 32 3.10 -13.46 -5.05
N GLU A 33 3.78 -12.35 -4.80
CA GLU A 33 4.67 -11.70 -5.76
C GLU A 33 3.93 -11.16 -6.98
N HIS A 34 3.13 -10.14 -6.74
CA HIS A 34 2.59 -9.30 -7.81
C HIS A 34 2.84 -7.85 -7.41
N GLU A 35 3.60 -7.14 -8.23
CA GLU A 35 4.04 -5.79 -7.87
C GLU A 35 3.15 -4.73 -8.47
N ILE A 36 2.84 -3.72 -7.66
CA ILE A 36 2.07 -2.58 -8.12
C ILE A 36 2.76 -1.29 -7.69
N ILE A 37 2.31 -0.18 -8.25
CA ILE A 37 2.90 1.12 -7.94
C ILE A 37 2.32 1.66 -6.64
N CYS A 38 3.09 2.45 -5.92
CA CYS A 38 2.61 3.09 -4.73
C CYS A 38 2.84 4.59 -4.78
N HIS A 39 1.88 5.36 -4.31
CA HIS A 39 1.98 6.81 -4.26
C HIS A 39 1.05 7.35 -3.19
N VAL A 40 1.35 8.53 -2.68
CA VAL A 40 0.51 9.15 -1.67
C VAL A 40 -0.79 9.65 -2.30
N SER A 41 -1.91 9.31 -1.67
CA SER A 41 -3.21 9.74 -2.13
C SER A 41 -3.89 10.59 -1.06
N GLY A 42 -5.20 10.80 -1.21
CA GLY A 42 -5.99 11.63 -0.29
C GLY A 42 -5.62 11.49 1.18
N LYS A 43 -6.32 10.58 1.85
CA LYS A 43 -6.11 10.33 3.29
C LYS A 43 -4.62 10.26 3.67
N VAL A 44 -3.81 9.64 2.83
CA VAL A 44 -2.40 9.44 3.13
C VAL A 44 -1.64 10.77 3.20
N ARG A 45 -1.98 11.69 2.30
CA ARG A 45 -1.24 12.94 2.15
C ARG A 45 -1.22 13.75 3.45
N ARG A 46 -2.40 13.99 4.03
CA ARG A 46 -2.47 14.88 5.19
C ARG A 46 -2.11 14.14 6.48
N SER A 47 -1.92 12.83 6.38
CA SER A 47 -1.61 12.02 7.54
C SER A 47 -0.10 12.00 7.80
N LYS A 48 0.68 12.33 6.76
CA LYS A 48 2.13 12.30 6.82
C LYS A 48 2.60 10.89 7.17
N ILE A 49 2.62 10.03 6.16
CA ILE A 49 2.92 8.63 6.36
C ILE A 49 4.32 8.30 5.85
N ARG A 50 5.05 7.49 6.61
CA ARG A 50 6.38 7.05 6.24
C ARG A 50 6.36 5.57 5.85
N ILE A 51 6.50 5.30 4.56
CA ILE A 51 6.54 3.93 4.07
C ILE A 51 8.00 3.45 4.06
N ILE A 52 8.30 2.50 4.93
CA ILE A 52 9.68 2.06 5.14
C ILE A 52 9.98 0.75 4.40
N ILE A 53 11.24 0.58 4.02
CA ILE A 53 11.67 -0.60 3.28
C ILE A 53 11.84 -1.81 4.20
N GLY A 54 11.22 -2.91 3.83
CA GLY A 54 11.40 -4.15 4.54
C GLY A 54 10.16 -4.60 5.28
N ASP A 55 9.37 -3.63 5.73
CA ASP A 55 8.19 -3.90 6.53
C ASP A 55 6.98 -4.21 5.64
N ARG A 56 6.06 -5.02 6.15
CA ARG A 56 4.83 -5.30 5.44
C ARG A 56 3.89 -4.11 5.53
N VAL A 57 3.26 -3.78 4.43
CA VAL A 57 2.39 -2.62 4.36
C VAL A 57 0.99 -3.00 3.90
N LEU A 58 0.05 -2.10 4.09
CA LEU A 58 -1.32 -2.31 3.68
C LEU A 58 -1.62 -1.45 2.47
N VAL A 59 -1.87 -2.10 1.34
CA VAL A 59 -2.15 -1.40 0.11
C VAL A 59 -3.55 -1.70 -0.37
N GLU A 60 -4.38 -0.67 -0.41
CA GLU A 60 -5.72 -0.79 -0.93
C GLU A 60 -5.82 -0.08 -2.27
N MET A 61 -6.12 -0.83 -3.31
CA MET A 61 -6.20 -0.29 -4.65
C MET A 61 -7.46 -0.79 -5.35
N SER A 62 -7.92 -0.04 -6.33
CA SER A 62 -9.10 -0.40 -7.08
C SER A 62 -8.70 -1.05 -8.40
N ILE A 63 -9.08 -2.31 -8.60
CA ILE A 63 -8.67 -3.08 -9.77
C ILE A 63 -9.41 -2.60 -11.02
N TYR A 64 -10.23 -1.56 -10.86
CA TYR A 64 -11.07 -1.05 -11.93
C TYR A 64 -10.25 -0.38 -13.03
N ASP A 65 -9.75 0.83 -12.79
CA ASP A 65 -9.07 1.57 -13.84
C ASP A 65 -7.95 2.48 -13.33
N ARG A 66 -8.32 3.55 -12.64
CA ARG A 66 -7.35 4.57 -12.26
C ARG A 66 -6.55 4.18 -11.03
N ASN A 67 -7.23 3.77 -9.99
CA ASN A 67 -6.58 3.41 -8.73
C ASN A 67 -6.04 1.98 -8.82
N ALA A 68 -5.75 1.54 -10.05
CA ALA A 68 -5.30 0.18 -10.31
C ALA A 68 -3.78 0.11 -10.44
N LYS A 69 -3.20 1.09 -11.13
CA LYS A 69 -1.75 1.10 -11.33
C LYS A 69 -1.04 1.29 -10.01
N LYS A 70 -1.56 2.20 -9.20
CA LYS A 70 -0.96 2.50 -7.91
C LYS A 70 -1.99 2.33 -6.81
N GLY A 71 -1.53 2.01 -5.62
CA GLY A 71 -2.41 1.90 -4.48
C GLY A 71 -2.05 2.91 -3.42
N ARG A 72 -2.99 3.21 -2.55
CA ARG A 72 -2.74 4.13 -1.45
C ARG A 72 -2.32 3.34 -0.20
N ILE A 73 -1.06 3.44 0.14
CA ILE A 73 -0.51 2.67 1.24
C ILE A 73 -0.26 3.56 2.45
N ILE A 74 -0.67 3.07 3.61
CA ILE A 74 -0.33 3.73 4.86
C ILE A 74 0.70 2.89 5.62
N ARG A 75 0.29 1.72 6.09
CA ARG A 75 1.20 0.77 6.74
C ARG A 75 0.37 -0.40 7.27
N ARG A 76 1.03 -1.50 7.60
CA ARG A 76 0.35 -2.63 8.23
C ARG A 76 -0.02 -2.25 9.66
N LEU A 77 -1.28 -2.48 10.02
CA LEU A 77 -1.72 -2.25 11.39
C LEU A 77 -0.89 -3.11 12.34
N LYS A 78 -0.54 -2.54 13.49
CA LYS A 78 0.43 -3.14 14.40
C LYS A 78 0.15 -4.63 14.65
N GLY A 79 1.21 -5.42 14.61
CA GLY A 79 1.09 -6.86 14.61
C GLY A 79 0.38 -7.42 15.81
N THR A 80 -0.54 -8.35 15.54
CA THR A 80 -1.23 -9.08 16.58
C THR A 80 -0.39 -10.30 17.01
N SER A 81 0.25 -10.93 16.03
CA SER A 81 1.11 -12.07 16.28
C SER A 81 2.23 -12.11 15.24
N ASP A 82 3.42 -12.53 15.64
CA ASP A 82 4.55 -12.61 14.72
C ASP A 82 4.65 -14.00 14.11
N ARG A 83 4.12 -14.99 14.81
CA ARG A 83 4.16 -16.39 14.38
C ARG A 83 5.58 -16.95 14.46
N THR A 84 6.45 -16.44 13.61
CA THR A 84 7.84 -16.88 13.56
C THR A 84 8.64 -16.03 12.58
N ILE A 85 8.00 -15.73 11.42
CA ILE A 85 8.56 -14.88 10.36
C ILE A 85 10.07 -15.06 10.17
N SER A 86 10.53 -16.31 10.17
CA SER A 86 11.93 -16.61 9.95
C SER A 86 12.10 -17.31 8.60
N LYS A 87 11.09 -17.16 7.74
CA LYS A 87 11.08 -17.81 6.45
C LYS A 87 11.49 -16.83 5.35
#